data_8ILR
#
_entry.id   8ILR
#
_cell.length_a   1.00
_cell.length_b   1.00
_cell.length_c   1.00
_cell.angle_alpha   90.00
_cell.angle_beta   90.00
_cell.angle_gamma   90.00
#
_symmetry.space_group_name_H-M   'P 1'
#
loop_
_entity.id
_entity.type
_entity.pdbx_description
1 polymer 'Phosphatidylinositol 4,5-bisphosphate 3-kinase catalytic subunit alpha isoform'
2 polymer 'Phosphatidylinositol 3-kinase regulatory subunit alpha'
3 non-polymer N-[(2S)-1-(ethylamino)-1-oxidanylidene-3-[4-(2-quinoxalin-6-ylethynyl)phenyl]propan-2-yl]-2,3-dimethyl-quinoxaline-6-carboxamide
4 water water
#
loop_
_entity_poly.entity_id
_entity_poly.type
_entity_poly.pdbx_seq_one_letter_code
_entity_poly.pdbx_strand_id
1 'polypeptide(L)'
;MSYYHHHHHHDYDIPTTENLYFQGAMGSMPPRPSSGELWGIHLMPPRILVECLLPNGMIVTLECLREATLITIKHELFKE
ARKYPLHQLLQDESSYIFVSVTQEAEREEFFDETRRLCDLRLFQPFLKVIEPVGNREEKILNREIGFAIGMPVCEFDMVK
DPEVQDFRRNILNVCKEAVDLRDLNSPHSRAMYVYPPNVESSPELPKHIYNKLDKGQIIVVIWVIVSPNNDKQKYTLKIN
HDCVPEQVIAEAIRKKTRSMLLSSEQLKLCVLEYQGKYILKVCGCDEYFLEKYPLSQYKYIRSCIMLGRMPNLMLMAKES
LYSQLPMDCFTMPSYSRRISTATPYMNGETSTKSLWVINSALRIKILCATYVNVNIRDIDKIYVRTGIYHGGEPLCDNVN
TQRVPCSNPRWNEWLNYDIYIPDLPRAARLCLSICSVKGRKGAKEEHCPLAWGNINLFDYTDTLVSGKMALNLWPVPHGL
EDLLNPIGVTGSNPNKETPCLELEFDWFSSVVKFPDMSVIEEHANWSVSREAGFSYSHAGLSNRLARDNELRENDKEQLK
AISTRDPLSEITEQEKDFLWSHRHYCVTIPEILPKLLLSVKWNSRDEVAQMYCLVKDWPPIKPEQAMELLDCNYPDPMVR
GFAVRCLEKYLTDDKLSQYLIQLVQVLKYEQYLDNLLVRFLLKKALTNQRIGHFFFWHLKSEMHNKTVSQRFGLLLESYC
RACGMYLKHLNRQVEAMEKLINLTDILKQEKKDETQKVQMKFLVEQMRRPDFMDALQGFLSPLNPAHQLGNLRLEECRIM
SSAKRPLWLNWENPDIMSELLFQNNEIIFKNGDDLRQDMLTLQIIRIMENIWQNQGLDLRMLPYGCLSIGDCVGLIEVVR
NSHTIMQIQCKGGLKGALQFNSHTLHQWLKDKNKGEIYDAAIDLFTRSCAGYCVATFILGIGDRHNSNIMVKDDGQLFHI
DFGHFLDHKKKKFGYKRERVPFVLTQDFLIVISKGAQECTKTREFERFQEMCYKAYLAIRQHANLFINLFSMMLGSGMPE
LQSFDDIAYIRKTLALDKTEQEALEYFMKQMNDAHHGGWTTKMDWIFHTIKQHALN
;
A
2 'polypeptide(L)'
;MAEGYQYRALYDYKKEREEDIDLHLGDILTVNKGSLVALGFSDGQEARPEEIGWLNGYNETTGERGDFPGTYVEYIGRKK
ISPPTPKPRPPRPLPVAPGSSKTEADVEQQALTLPDLAEQFAPPDIAPPLLIKLVEAIEKKGLECSTLYRTQSSSNLAEL
RQLLDCDTPSVDLEMIDVHVLADAFKRYLLDLPNPVIPAAVYSEMISLAPEVQSSEEYIQLLKKLIRSPSIPHQYWLTLQ
YLLKHFFKLSQTSSKNLLNARVLSEIFSPMLFRFSAASSDNTENLIKVIEILISTEWNERQPAPALPPKPPKPTTVANNG
MNNNMSLQDAEWYWGDISREEVNEKLRDTADGTFLVRDASTKMHGDYTLTLRKGGNNKLIKIFHRDGKYGFSDPLTFSSV
VELINHYRNESLAQYNPKLDVKLLYPVSKYQQDQVVKEDNIEAVGKKLHEYNTQFQEKSREYDRLYEEYTRTSQEIQMKR
TAIEAFNETIKIFEEQCQTQERYSKEYIEKFKREGNEKEIQRIMHNYDKLKSRISEIIDSRRRLEEDLKKQAAEYREIDK
RMNSIKPDLIQLRKTRDQYLMWLTQKGVRQKKLNEWLGNENTEDQYSLVEDDEDLPHHDEKTWNVGSSNRNKAENLLRGK
RDGTFLVRESSKQGCYACSVVVDGEVKHCVINKTATGYGFAEPYNLYSSLKELVLHYQHTSLVQHNDSLNVTLAYPVYAQ
QRR
;
B
#
# COMPACT_ATOMS: atom_id res chain seq x y z
N SER A 35 -23.05 4.67 9.06
CA SER A 35 -23.56 5.09 7.76
C SER A 35 -25.00 5.56 7.85
N GLY A 36 -25.70 5.54 6.72
CA GLY A 36 -27.08 5.97 6.70
C GLY A 36 -27.22 7.48 6.85
N GLU A 37 -28.45 7.91 7.13
CA GLU A 37 -28.76 9.31 7.33
C GLU A 37 -28.89 9.70 8.80
N LEU A 38 -28.71 8.75 9.71
CA LEU A 38 -28.81 9.04 11.14
C LEU A 38 -27.97 8.02 11.90
N TRP A 39 -27.60 8.38 13.12
CA TRP A 39 -26.79 7.50 13.94
C TRP A 39 -27.58 6.24 14.31
N GLY A 40 -26.97 5.09 14.07
CA GLY A 40 -27.61 3.82 14.39
C GLY A 40 -28.69 3.43 13.40
N ILE A 41 -29.73 4.26 13.30
CA ILE A 41 -30.86 3.99 12.42
C ILE A 41 -30.47 4.42 11.00
N HIS A 42 -30.24 3.45 10.12
CA HIS A 42 -29.90 3.76 8.74
C HIS A 42 -31.14 4.01 7.88
N LEU A 43 -32.33 3.73 8.40
CA LEU A 43 -33.57 3.99 7.67
C LEU A 43 -34.07 5.40 8.00
N MET A 44 -34.46 6.13 6.97
CA MET A 44 -34.93 7.50 7.12
C MET A 44 -36.43 7.56 6.86
N PRO A 45 -37.27 7.72 7.88
CA PRO A 45 -38.70 7.84 7.63
C PRO A 45 -39.00 9.07 6.81
N PRO A 46 -40.03 9.00 5.95
CA PRO A 46 -40.34 10.17 5.12
C PRO A 46 -40.64 11.42 5.94
N ARG A 47 -41.27 11.26 7.10
CA ARG A 47 -41.61 12.38 7.97
C ARG A 47 -41.07 12.11 9.36
N ILE A 48 -40.30 13.05 9.90
CA ILE A 48 -39.70 12.93 11.21
C ILE A 48 -39.87 14.24 11.97
N LEU A 49 -40.16 14.14 13.27
CA LEU A 49 -40.28 15.32 14.10
C LEU A 49 -38.92 15.93 14.38
N VAL A 50 -38.51 16.88 13.55
CA VAL A 50 -37.20 17.52 13.70
C VAL A 50 -37.38 18.75 14.59
N GLU A 51 -36.67 18.76 15.72
CA GLU A 51 -36.75 19.84 16.69
C GLU A 51 -35.61 20.81 16.46
N CYS A 52 -35.94 22.07 16.23
CA CYS A 52 -34.96 23.13 16.03
C CYS A 52 -34.82 23.96 17.31
N LEU A 53 -33.81 24.83 17.32
CA LEU A 53 -33.52 25.69 18.46
C LEU A 53 -33.41 27.13 17.94
N LEU A 54 -34.47 27.90 18.10
CA LEU A 54 -34.49 29.26 17.61
C LEU A 54 -33.56 30.15 18.43
N PRO A 55 -33.13 31.28 17.86
CA PRO A 55 -32.17 32.15 18.59
C PRO A 55 -32.70 32.62 19.93
N ASN A 56 -34.00 32.86 20.04
CA ASN A 56 -34.56 33.34 21.29
C ASN A 56 -34.68 32.27 22.36
N GLY A 57 -34.07 31.10 22.16
CA GLY A 57 -34.15 30.01 23.10
C GLY A 57 -35.42 29.19 23.01
N MET A 58 -36.20 29.35 21.94
CA MET A 58 -37.45 28.64 21.79
C MET A 58 -37.22 27.27 21.15
N ILE A 59 -38.19 26.38 21.33
CA ILE A 59 -38.15 25.03 20.77
C ILE A 59 -39.46 24.78 20.05
N VAL A 60 -39.38 24.31 18.82
CA VAL A 60 -40.56 23.99 18.02
C VAL A 60 -40.25 22.76 17.17
N THR A 61 -41.23 21.87 17.07
CA THR A 61 -41.08 20.62 16.33
C THR A 61 -41.60 20.78 14.89
N LEU A 62 -40.98 20.07 13.97
CA LEU A 62 -41.33 20.14 12.56
C LEU A 62 -41.36 18.73 11.98
N GLU A 63 -42.09 18.59 10.88
CA GLU A 63 -42.20 17.33 10.13
C GLU A 63 -41.84 17.64 8.68
N CYS A 64 -40.55 17.57 8.36
CA CYS A 64 -40.06 17.90 7.04
C CYS A 64 -39.98 16.63 6.18
N LEU A 65 -39.40 16.76 5.00
CA LEU A 65 -39.23 15.64 4.08
C LEU A 65 -37.79 15.15 4.10
N ARG A 66 -37.61 13.87 3.74
CA ARG A 66 -36.27 13.30 3.71
C ARG A 66 -35.39 14.02 2.69
N GLU A 67 -35.92 14.30 1.52
CA GLU A 67 -35.17 14.96 0.46
C GLU A 67 -35.34 16.47 0.45
N ALA A 68 -36.12 17.02 1.39
CA ALA A 68 -36.34 18.46 1.43
C ALA A 68 -35.03 19.20 1.65
N THR A 69 -34.81 20.24 0.85
CA THR A 69 -33.60 21.04 1.00
C THR A 69 -33.70 21.94 2.23
N LEU A 70 -32.53 22.29 2.78
CA LEU A 70 -32.49 23.14 3.96
C LEU A 70 -33.04 24.54 3.68
N ILE A 71 -33.03 24.97 2.41
CA ILE A 71 -33.60 26.27 2.07
C ILE A 71 -35.10 26.27 2.37
N THR A 72 -35.79 25.21 1.96
CA THR A 72 -37.22 25.10 2.25
C THR A 72 -37.47 24.98 3.74
N ILE A 73 -36.62 24.24 4.45
CA ILE A 73 -36.81 24.03 5.88
C ILE A 73 -36.83 25.37 6.61
N LYS A 74 -35.92 26.27 6.25
CA LYS A 74 -35.91 27.59 6.87
C LYS A 74 -37.19 28.35 6.56
N HIS A 75 -37.69 28.25 5.34
CA HIS A 75 -38.92 28.95 4.97
C HIS A 75 -40.10 28.47 5.82
N GLU A 76 -40.28 27.15 5.90
CA GLU A 76 -41.38 26.61 6.71
C GLU A 76 -41.19 26.92 8.19
N LEU A 77 -39.96 26.80 8.69
CA LEU A 77 -39.71 26.97 10.11
C LEU A 77 -40.05 28.38 10.57
N PHE A 78 -39.65 29.39 9.80
CA PHE A 78 -39.85 30.76 10.23
C PHE A 78 -41.33 31.13 10.27
N LYS A 79 -42.13 30.59 9.36
CA LYS A 79 -43.57 30.79 9.44
C LYS A 79 -44.22 29.70 10.30
N GLU A 80 -43.63 29.47 11.47
CA GLU A 80 -44.18 28.56 12.45
C GLU A 80 -44.06 29.05 13.88
N ALA A 81 -43.41 30.19 14.11
CA ALA A 81 -43.22 30.72 15.45
C ALA A 81 -44.35 31.64 15.89
N ARG A 82 -45.26 32.00 14.99
CA ARG A 82 -46.34 32.92 15.35
C ARG A 82 -47.19 32.39 16.50
N LYS A 83 -47.18 31.08 16.72
CA LYS A 83 -47.86 30.46 17.84
C LYS A 83 -46.95 30.25 19.05
N TYR A 84 -45.91 31.07 19.19
CA TYR A 84 -44.90 30.93 20.22
C TYR A 84 -44.67 32.27 20.90
N PRO A 85 -43.91 32.28 22.01
CA PRO A 85 -43.83 33.48 22.85
C PRO A 85 -43.34 34.73 22.15
N LEU A 86 -42.14 34.69 21.58
CA LEU A 86 -41.47 35.89 21.10
C LEU A 86 -41.14 35.77 19.61
N HIS A 87 -41.24 36.91 18.91
CA HIS A 87 -40.89 36.97 17.50
C HIS A 87 -40.07 38.20 17.11
N GLN A 88 -39.96 39.21 17.98
CA GLN A 88 -39.30 40.45 17.59
C GLN A 88 -37.80 40.28 17.34
N LEU A 89 -37.18 39.24 17.90
CA LEU A 89 -35.74 39.07 17.75
C LEU A 89 -35.36 38.65 16.33
N LEU A 90 -36.21 37.90 15.64
CA LEU A 90 -35.88 37.42 14.31
C LEU A 90 -35.54 38.57 13.38
N GLN A 91 -36.52 39.43 13.10
CA GLN A 91 -36.37 40.64 12.29
C GLN A 91 -36.11 40.36 10.82
N ASP A 92 -35.99 39.10 10.42
CA ASP A 92 -35.73 38.77 9.02
C ASP A 92 -35.70 37.25 8.89
N GLU A 93 -35.76 36.78 7.65
CA GLU A 93 -35.65 35.35 7.35
C GLU A 93 -34.22 34.92 7.05
N SER A 94 -33.36 35.85 6.66
CA SER A 94 -31.97 35.54 6.37
C SER A 94 -31.13 35.72 7.64
N SER A 95 -29.81 35.70 7.48
CA SER A 95 -28.88 35.85 8.60
C SER A 95 -28.92 34.65 9.55
N TYR A 96 -29.21 33.47 9.01
CA TYR A 96 -29.25 32.25 9.80
C TYR A 96 -28.77 31.10 8.95
N ILE A 97 -28.04 30.16 9.56
CA ILE A 97 -27.26 29.19 8.79
C ILE A 97 -27.65 27.76 9.09
N PHE A 98 -28.50 27.54 10.09
CA PHE A 98 -28.97 26.20 10.44
C PHE A 98 -27.80 25.29 10.85
N VAL A 99 -27.12 25.69 11.91
CA VAL A 99 -26.01 24.90 12.43
C VAL A 99 -26.56 23.70 13.20
N SER A 100 -25.79 22.63 13.22
CA SER A 100 -26.17 21.39 13.92
C SER A 100 -24.93 20.51 14.04
N VAL A 101 -25.12 19.28 14.48
CA VAL A 101 -24.03 18.32 14.67
C VAL A 101 -24.13 17.25 13.60
N THR A 102 -22.99 16.65 13.29
CA THR A 102 -22.88 15.62 12.27
C THR A 102 -22.57 14.27 12.89
N GLN A 103 -22.44 13.25 12.05
CA GLN A 103 -22.14 11.90 12.52
C GLN A 103 -20.66 11.71 12.86
N GLU A 104 -19.79 12.61 12.41
CA GLU A 104 -18.37 12.53 12.69
C GLU A 104 -17.98 13.24 13.98
N ALA A 105 -18.94 13.48 14.87
CA ALA A 105 -18.72 14.24 16.11
C ALA A 105 -18.33 15.68 15.85
N GLU A 106 -18.64 16.18 14.65
CA GLU A 106 -18.29 17.53 14.24
C GLU A 106 -19.55 18.38 14.12
N ARG A 107 -19.46 19.63 14.57
CA ARG A 107 -20.57 20.57 14.48
C ARG A 107 -20.47 21.30 13.14
N GLU A 108 -21.15 20.76 12.13
CA GLU A 108 -21.13 21.37 10.81
C GLU A 108 -21.95 22.65 10.81
N GLU A 109 -21.65 23.52 9.84
CA GLU A 109 -22.30 24.82 9.75
C GLU A 109 -23.43 24.85 8.73
N PHE A 110 -23.40 23.99 7.73
CA PHE A 110 -24.45 23.92 6.71
C PHE A 110 -24.66 25.28 6.05
N PHE A 111 -23.59 25.78 5.43
CA PHE A 111 -23.70 27.03 4.67
C PHE A 111 -24.41 26.80 3.34
N ASP A 112 -24.18 25.65 2.71
CA ASP A 112 -24.84 25.30 1.44
C ASP A 112 -26.26 24.86 1.77
N GLU A 113 -27.18 25.81 1.76
CA GLU A 113 -28.58 25.53 2.09
C GLU A 113 -29.27 24.66 1.05
N THR A 114 -28.67 24.47 -0.13
CA THR A 114 -29.27 23.62 -1.15
C THR A 114 -29.15 22.14 -0.83
N ARG A 115 -28.30 21.76 0.13
CA ARG A 115 -28.15 20.36 0.48
C ARG A 115 -29.44 19.81 1.09
N ARG A 116 -29.80 18.60 0.70
CA ARG A 116 -30.99 17.95 1.23
C ARG A 116 -30.74 17.42 2.63
N LEU A 117 -31.81 17.41 3.43
CA LEU A 117 -31.70 16.93 4.81
C LEU A 117 -31.26 15.48 4.87
N CYS A 118 -31.56 14.70 3.83
CA CYS A 118 -31.20 13.28 3.84
C CYS A 118 -29.69 13.08 3.89
N ASP A 119 -28.94 13.86 3.11
CA ASP A 119 -27.50 13.67 2.98
C ASP A 119 -26.69 14.49 3.98
N LEU A 120 -27.34 15.20 4.90
CA LEU A 120 -26.61 16.01 5.87
C LEU A 120 -25.87 15.17 6.91
N ARG A 121 -26.12 13.87 6.97
CA ARG A 121 -25.46 12.99 7.93
C ARG A 121 -25.65 13.50 9.36
N LEU A 122 -26.89 13.84 9.69
CA LEU A 122 -27.20 14.35 11.02
C LEU A 122 -27.02 13.26 12.07
N PHE A 123 -26.40 13.64 13.19
CA PHE A 123 -26.25 12.69 14.30
C PHE A 123 -27.59 12.39 14.95
N GLN A 124 -28.38 13.43 15.22
CA GLN A 124 -29.71 13.31 15.77
C GLN A 124 -30.59 14.37 15.12
N PRO A 125 -31.90 14.13 15.04
CA PRO A 125 -32.78 15.15 14.45
C PRO A 125 -32.80 16.42 15.28
N PHE A 126 -32.14 17.47 14.79
CA PHE A 126 -32.17 18.78 15.44
C PHE A 126 -31.37 19.77 14.62
N LEU A 127 -31.71 21.05 14.72
CA LEU A 127 -31.01 22.09 13.97
C LEU A 127 -31.12 23.40 14.71
N LYS A 128 -29.98 23.97 15.09
CA LYS A 128 -29.94 25.24 15.81
C LYS A 128 -29.74 26.38 14.82
N VAL A 129 -30.48 27.47 15.04
CA VAL A 129 -30.44 28.65 14.18
C VAL A 129 -29.47 29.64 14.78
N ILE A 130 -28.42 30.00 14.03
CA ILE A 130 -27.37 30.89 14.49
C ILE A 130 -27.08 31.93 13.43
N GLU A 131 -26.63 33.10 13.87
CA GLU A 131 -26.26 34.16 12.96
C GLU A 131 -25.02 33.75 12.15
N PRO A 132 -24.92 34.20 10.90
CA PRO A 132 -23.77 33.80 10.07
C PRO A 132 -22.45 34.17 10.72
N VAL A 133 -21.47 33.28 10.59
CA VAL A 133 -20.14 33.49 11.14
C VAL A 133 -19.12 32.89 10.18
N GLY A 134 -17.94 33.51 10.14
CA GLY A 134 -16.87 33.02 9.31
C GLY A 134 -16.90 33.59 7.90
N ASN A 135 -15.98 33.07 7.08
CA ASN A 135 -15.86 33.55 5.70
C ASN A 135 -17.13 33.29 4.90
N ARG A 136 -17.80 32.17 5.17
CA ARG A 136 -19.00 31.69 4.50
C ARG A 136 -18.68 31.10 3.13
N GLU A 137 -17.45 31.21 2.65
CA GLU A 137 -17.05 30.61 1.38
C GLU A 137 -15.96 29.56 1.54
N GLU A 138 -14.99 29.79 2.43
CA GLU A 138 -13.99 28.78 2.72
C GLU A 138 -14.54 27.65 3.58
N LYS A 139 -15.63 27.90 4.31
CA LYS A 139 -16.25 26.84 5.10
C LYS A 139 -16.96 25.83 4.19
N ILE A 140 -17.54 26.31 3.09
CA ILE A 140 -18.19 25.39 2.15
C ILE A 140 -17.17 24.43 1.56
N LEU A 141 -16.00 24.95 1.19
CA LEU A 141 -14.96 24.08 0.64
C LEU A 141 -14.52 23.03 1.65
N ASN A 142 -14.38 23.43 2.91
CA ASN A 142 -13.96 22.49 3.95
C ASN A 142 -14.94 21.34 4.10
N ARG A 143 -16.22 21.54 3.72
CA ARG A 143 -17.18 20.45 3.80
C ARG A 143 -16.99 19.45 2.67
N GLU A 144 -16.60 19.94 1.48
CA GLU A 144 -16.31 19.02 0.38
C GLU A 144 -14.99 18.30 0.59
N ILE A 145 -14.00 19.00 1.15
CA ILE A 145 -12.72 18.36 1.42
C ILE A 145 -12.88 17.25 2.46
N GLY A 146 -13.66 17.50 3.50
CA GLY A 146 -13.87 16.48 4.52
C GLY A 146 -14.57 15.26 3.98
N PHE A 147 -15.57 15.46 3.12
CA PHE A 147 -16.31 14.33 2.57
C PHE A 147 -15.40 13.43 1.73
N ALA A 148 -14.53 14.03 0.91
CA ALA A 148 -13.66 13.24 0.06
C ALA A 148 -12.61 12.49 0.89
N ILE A 149 -11.95 13.20 1.81
CA ILE A 149 -10.92 12.56 2.63
C ILE A 149 -11.54 11.53 3.56
N GLY A 150 -12.75 11.80 4.06
CA GLY A 150 -13.44 10.91 4.97
C GLY A 150 -13.39 11.32 6.42
N MET A 151 -12.66 12.39 6.76
CA MET A 151 -12.59 12.90 8.11
C MET A 151 -12.74 14.41 8.11
N PRO A 152 -13.29 14.98 9.18
CA PRO A 152 -13.45 16.43 9.23
C PRO A 152 -12.10 17.14 9.14
N VAL A 153 -12.09 18.26 8.43
CA VAL A 153 -10.86 19.04 8.31
C VAL A 153 -10.48 19.63 9.66
N CYS A 154 -11.45 19.84 10.55
CA CYS A 154 -11.15 20.39 11.87
C CYS A 154 -10.25 19.46 12.68
N GLU A 155 -10.21 18.17 12.35
CA GLU A 155 -9.36 17.25 13.10
C GLU A 155 -7.90 17.67 13.04
N PHE A 156 -7.44 18.10 11.86
CA PHE A 156 -6.05 18.54 11.73
C PHE A 156 -5.79 19.83 12.48
N ASP A 157 -6.82 20.67 12.65
CA ASP A 157 -6.65 21.93 13.36
C ASP A 157 -6.58 21.75 14.87
N MET A 158 -7.01 20.61 15.38
CA MET A 158 -7.00 20.35 16.82
C MET A 158 -5.73 19.63 17.27
N VAL A 159 -4.77 19.42 16.38
CA VAL A 159 -3.52 18.75 16.71
C VAL A 159 -2.51 19.79 17.14
N LYS A 160 -1.95 19.63 18.33
CA LYS A 160 -0.97 20.56 18.87
C LYS A 160 0.46 20.22 18.47
N ASP A 161 0.66 19.16 17.69
CA ASP A 161 2.01 18.78 17.27
C ASP A 161 2.60 19.87 16.38
N PRO A 162 3.77 20.42 16.73
CA PRO A 162 4.34 21.48 15.89
C PRO A 162 4.64 21.03 14.47
N GLU A 163 5.03 19.77 14.28
CA GLU A 163 5.33 19.31 12.92
C GLU A 163 4.07 19.24 12.07
N VAL A 164 2.95 18.83 12.67
CA VAL A 164 1.71 18.74 11.91
C VAL A 164 1.29 20.12 11.40
N GLN A 165 1.38 21.13 12.27
CA GLN A 165 0.96 22.48 11.87
C GLN A 165 1.97 23.10 10.91
N ASP A 166 3.26 22.88 11.13
CA ASP A 166 4.27 23.44 10.24
C ASP A 166 4.15 22.87 8.84
N PHE A 167 3.87 21.57 8.74
CA PHE A 167 3.72 20.95 7.42
C PHE A 167 2.54 21.56 6.68
N ARG A 168 1.44 21.83 7.37
CA ARG A 168 0.26 22.41 6.71
C ARG A 168 0.58 23.77 6.12
N ARG A 169 1.29 24.61 6.86
CA ARG A 169 1.59 25.96 6.39
C ARG A 169 2.70 25.99 5.34
N ASN A 170 3.52 24.95 5.27
CA ASN A 170 4.64 24.91 4.33
C ASN A 170 4.32 24.17 3.04
N ILE A 171 3.41 23.19 3.09
CA ILE A 171 3.06 22.45 1.88
C ILE A 171 2.28 23.31 0.91
N LEU A 172 1.74 24.45 1.36
CA LEU A 172 1.00 25.33 0.47
C LEU A 172 1.90 25.99 -0.57
N ASN A 173 3.21 25.93 -0.38
CA ASN A 173 4.13 26.48 -1.38
C ASN A 173 4.11 25.64 -2.65
N VAL A 174 4.14 24.32 -2.51
CA VAL A 174 4.07 23.45 -3.69
C VAL A 174 2.70 23.55 -4.34
N CYS A 175 1.65 23.67 -3.53
CA CYS A 175 0.31 23.83 -4.09
C CYS A 175 0.19 25.11 -4.90
N LYS A 176 0.74 26.21 -4.38
CA LYS A 176 0.66 27.48 -5.11
C LYS A 176 1.49 27.44 -6.38
N GLU A 177 2.69 26.87 -6.32
CA GLU A 177 3.55 26.82 -7.50
C GLU A 177 2.91 26.01 -8.61
N ALA A 178 2.34 24.84 -8.28
CA ALA A 178 1.70 24.02 -9.29
C ALA A 178 0.51 24.73 -9.91
N VAL A 179 -0.30 25.40 -9.09
CA VAL A 179 -1.46 26.12 -9.61
C VAL A 179 -1.02 27.21 -10.58
N ASP A 180 0.03 27.95 -10.23
CA ASP A 180 0.56 28.96 -11.14
C ASP A 180 1.13 28.32 -12.39
N LEU A 181 1.75 27.14 -12.26
CA LEU A 181 2.32 26.46 -13.41
C LEU A 181 1.25 26.12 -14.43
N ARG A 182 0.08 25.66 -13.98
CA ARG A 182 -0.98 25.28 -14.90
C ARG A 182 -1.47 26.49 -15.70
N ASP A 183 -1.61 27.64 -15.06
CA ASP A 183 -2.06 28.86 -15.73
C ASP A 183 -0.83 29.70 -16.10
N LEU A 184 -0.17 29.28 -17.18
CA LEU A 184 1.03 29.94 -17.66
C LEU A 184 0.88 30.51 -19.07
N ASN A 185 0.39 29.69 -20.01
CA ASN A 185 0.34 30.08 -21.41
C ASN A 185 -1.04 30.55 -21.83
N SER A 186 -2.06 29.70 -21.68
CA SER A 186 -3.38 30.00 -22.20
C SER A 186 -4.36 28.94 -21.70
N PRO A 187 -5.67 29.11 -21.95
CA PRO A 187 -6.62 28.03 -21.68
C PRO A 187 -6.11 26.68 -22.15
N HIS A 188 -5.27 26.67 -23.18
CA HIS A 188 -4.64 25.43 -23.64
C HIS A 188 -3.90 24.75 -22.51
N SER A 189 -3.12 25.51 -21.74
CA SER A 189 -2.41 24.93 -20.60
C SER A 189 -3.40 24.36 -19.59
N ARG A 190 -4.59 24.96 -19.47
CA ARG A 190 -5.62 24.41 -18.61
C ARG A 190 -6.11 23.07 -19.13
N ALA A 191 -6.28 22.96 -20.45
CA ALA A 191 -6.76 21.70 -21.03
C ALA A 191 -5.77 20.58 -20.82
N MET A 192 -4.47 20.84 -20.99
CA MET A 192 -3.47 19.80 -20.82
C MET A 192 -3.48 19.24 -19.41
N TYR A 193 -3.94 20.03 -18.44
CA TYR A 193 -4.05 19.52 -17.07
C TYR A 193 -5.22 18.55 -16.94
N VAL A 194 -6.37 18.91 -17.50
CA VAL A 194 -7.56 18.07 -17.35
C VAL A 194 -7.54 16.90 -18.32
N TYR A 195 -6.85 17.03 -19.45
CA TYR A 195 -6.80 15.98 -20.48
C TYR A 195 -5.35 15.71 -20.83
N PRO A 196 -4.60 15.11 -19.90
CA PRO A 196 -3.17 14.86 -20.15
C PRO A 196 -3.00 13.81 -21.23
N PRO A 197 -2.20 14.11 -22.26
CA PRO A 197 -1.98 13.11 -23.31
C PRO A 197 -1.35 11.85 -22.74
N ASN A 198 -1.93 10.71 -23.12
CA ASN A 198 -1.45 9.40 -22.65
C ASN A 198 -0.49 8.85 -23.70
N VAL A 199 0.77 9.27 -23.60
CA VAL A 199 1.79 8.90 -24.55
C VAL A 199 2.77 7.94 -23.89
N GLU A 200 3.66 7.38 -24.69
CA GLU A 200 4.67 6.44 -24.24
C GLU A 200 6.05 7.04 -24.39
N SER A 201 6.94 6.72 -23.46
CA SER A 201 8.33 7.18 -23.53
C SER A 201 9.13 6.29 -24.47
N SER A 202 8.63 6.12 -25.69
CA SER A 202 9.28 5.28 -26.69
C SER A 202 8.81 5.67 -28.08
N PRO A 203 9.33 6.78 -28.63
CA PRO A 203 8.87 7.21 -29.97
C PRO A 203 9.08 6.17 -31.04
N GLU A 204 10.17 5.39 -30.97
CA GLU A 204 10.46 4.41 -31.99
C GLU A 204 9.72 3.11 -31.72
N LEU A 205 8.94 2.66 -32.70
CA LEU A 205 8.17 1.44 -32.54
C LEU A 205 9.09 0.22 -32.54
N PRO A 206 8.73 -0.82 -31.78
CA PRO A 206 9.47 -2.08 -31.89
C PRO A 206 9.42 -2.60 -33.32
N LYS A 207 10.50 -3.27 -33.72
CA LYS A 207 10.64 -3.67 -35.12
C LYS A 207 9.48 -4.55 -35.57
N HIS A 208 9.09 -5.51 -34.73
CA HIS A 208 8.05 -6.46 -35.16
C HIS A 208 6.71 -5.77 -35.38
N ILE A 209 6.36 -4.80 -34.51
CA ILE A 209 5.12 -4.06 -34.74
C ILE A 209 5.24 -3.17 -35.97
N TYR A 210 6.43 -2.59 -36.19
CA TYR A 210 6.63 -1.77 -37.38
C TYR A 210 6.40 -2.59 -38.65
N ASN A 211 6.83 -3.85 -38.65
CA ASN A 211 6.56 -4.73 -39.78
C ASN A 211 5.06 -4.91 -40.00
N LYS A 212 4.25 -4.70 -38.97
CA LYS A 212 2.79 -4.77 -39.12
C LYS A 212 2.23 -3.64 -39.96
N LEU A 213 3.02 -2.59 -40.21
CA LEU A 213 2.58 -1.45 -41.00
C LEU A 213 3.09 -1.59 -42.43
N ASP A 214 2.18 -1.47 -43.39
CA ASP A 214 2.54 -1.57 -44.81
C ASP A 214 3.15 -0.25 -45.23
N LYS A 215 4.47 -0.21 -45.34
CA LYS A 215 5.22 0.99 -45.72
C LYS A 215 5.19 2.04 -44.61
N GLY A 216 5.07 1.61 -43.37
CA GLY A 216 5.02 2.55 -42.25
C GLY A 216 3.86 3.52 -42.31
N GLN A 217 2.70 3.05 -42.76
CA GLN A 217 1.50 3.87 -42.85
C GLN A 217 0.34 3.15 -42.19
N ILE A 218 -0.48 3.92 -41.46
CA ILE A 218 -1.61 3.38 -40.72
C ILE A 218 -2.89 4.00 -41.26
N ILE A 219 -3.87 3.16 -41.57
CA ILE A 219 -5.16 3.64 -42.06
C ILE A 219 -6.01 4.06 -40.88
N VAL A 220 -6.43 5.32 -40.87
CA VAL A 220 -7.25 5.88 -39.79
C VAL A 220 -8.47 6.53 -40.40
N VAL A 221 -9.62 6.37 -39.74
CA VAL A 221 -10.87 6.95 -40.18
C VAL A 221 -11.18 8.12 -39.26
N ILE A 222 -11.37 9.31 -39.85
CA ILE A 222 -11.64 10.53 -39.10
C ILE A 222 -13.14 10.80 -39.16
N TRP A 223 -13.77 10.93 -37.99
CA TRP A 223 -15.21 11.15 -37.90
C TRP A 223 -15.46 12.62 -37.60
N VAL A 224 -16.14 13.31 -38.51
CA VAL A 224 -16.51 14.71 -38.36
C VAL A 224 -18.02 14.80 -38.26
N ILE A 225 -18.51 15.48 -37.24
CA ILE A 225 -19.94 15.58 -36.96
C ILE A 225 -20.42 16.95 -37.41
N VAL A 226 -21.47 16.95 -38.24
CA VAL A 226 -22.08 18.19 -38.73
C VAL A 226 -23.22 18.58 -37.79
N SER A 227 -23.24 19.85 -37.40
CA SER A 227 -24.26 20.32 -36.47
C SER A 227 -25.68 20.04 -36.94
N PRO A 228 -26.05 20.30 -38.19
CA PRO A 228 -27.42 19.98 -38.63
C PRO A 228 -27.71 18.49 -38.50
N ASN A 229 -28.65 18.16 -37.61
CA ASN A 229 -29.10 16.81 -37.33
C ASN A 229 -28.03 15.95 -36.67
N ASN A 230 -26.86 16.51 -36.36
CA ASN A 230 -25.77 15.74 -35.76
C ASN A 230 -25.45 14.51 -36.59
N ASP A 231 -25.38 14.71 -37.91
CA ASP A 231 -25.14 13.60 -38.83
C ASP A 231 -23.67 13.22 -38.83
N LYS A 232 -23.40 11.92 -38.84
CA LYS A 232 -22.04 11.42 -38.87
C LYS A 232 -21.45 11.53 -40.28
N GLN A 233 -20.13 11.36 -40.35
CA GLN A 233 -19.44 11.44 -41.64
C GLN A 233 -18.20 10.55 -41.58
N LYS A 234 -17.71 10.18 -42.76
CA LYS A 234 -16.62 9.22 -42.90
C LYS A 234 -15.39 9.89 -43.49
N TYR A 235 -14.23 9.26 -43.27
CA TYR A 235 -12.98 9.70 -43.87
C TYR A 235 -12.00 8.54 -43.87
N THR A 236 -11.44 8.23 -45.04
CA THR A 236 -10.38 7.23 -45.15
C THR A 236 -9.04 7.97 -45.25
N LEU A 237 -8.16 7.74 -44.29
CA LEU A 237 -6.89 8.45 -44.22
C LEU A 237 -5.75 7.44 -44.13
N LYS A 238 -4.76 7.59 -45.01
CA LYS A 238 -3.56 6.78 -45.00
C LYS A 238 -2.38 7.73 -44.79
N ILE A 239 -1.81 7.72 -43.58
CA ILE A 239 -0.77 8.66 -43.20
C ILE A 239 0.38 7.91 -42.55
N ASN A 240 1.55 8.55 -42.57
CA ASN A 240 2.74 7.97 -41.98
C ASN A 240 2.58 7.86 -40.46
N HIS A 241 3.22 6.85 -39.88
CA HIS A 241 3.13 6.64 -38.44
C HIS A 241 3.76 7.80 -37.68
N ASP A 242 4.88 8.32 -38.17
CA ASP A 242 5.62 9.38 -37.48
C ASP A 242 5.16 10.77 -37.91
N CYS A 243 3.85 11.01 -37.84
CA CYS A 243 3.27 12.30 -38.15
C CYS A 243 2.40 12.74 -36.98
N VAL A 244 2.61 13.97 -36.52
CA VAL A 244 1.91 14.49 -35.35
C VAL A 244 0.47 14.83 -35.75
N PRO A 245 -0.44 15.01 -34.78
CA PRO A 245 -1.82 15.32 -35.13
C PRO A 245 -1.99 16.61 -35.93
N GLU A 246 -0.99 17.50 -35.90
CA GLU A 246 -1.10 18.75 -36.62
C GLU A 246 -1.27 18.52 -38.12
N GLN A 247 -0.38 17.72 -38.73
CA GLN A 247 -0.53 17.40 -40.14
C GLN A 247 -1.60 16.37 -40.40
N VAL A 248 -1.91 15.51 -39.42
CA VAL A 248 -3.05 14.61 -39.56
C VAL A 248 -4.33 15.41 -39.73
N ILE A 249 -4.49 16.45 -38.90
CA ILE A 249 -5.70 17.27 -38.96
C ILE A 249 -5.71 18.11 -40.24
N ALA A 250 -4.58 18.73 -40.58
CA ALA A 250 -4.53 19.58 -41.76
C ALA A 250 -4.71 18.77 -43.03
N GLU A 251 -4.01 17.64 -43.15
CA GLU A 251 -4.13 16.82 -44.34
C GLU A 251 -5.55 16.28 -44.51
N ALA A 252 -6.23 15.98 -43.41
CA ALA A 252 -7.61 15.55 -43.49
C ALA A 252 -8.51 16.64 -44.04
N ILE A 253 -8.19 17.90 -43.71
CA ILE A 253 -9.00 19.02 -44.18
C ILE A 253 -8.98 19.08 -45.71
N ARG A 254 -7.83 18.77 -46.32
CA ARG A 254 -7.74 18.78 -47.78
C ARG A 254 -8.79 17.87 -48.40
N LYS A 255 -9.15 16.78 -47.72
CA LYS A 255 -10.18 15.90 -48.22
C LYS A 255 -11.59 16.36 -47.86
N LYS A 256 -11.72 17.46 -47.11
CA LYS A 256 -13.04 17.95 -46.75
C LYS A 256 -13.84 18.34 -47.99
N THR A 257 -13.19 19.03 -48.93
CA THR A 257 -13.85 19.45 -50.17
C THR A 257 -15.10 20.27 -49.88
N GLN A 275 -5.38 24.98 -39.62
CA GLN A 275 -5.77 26.07 -38.74
C GLN A 275 -5.49 25.73 -37.28
N GLY A 276 -5.96 26.59 -36.38
CA GLY A 276 -5.75 26.40 -34.96
C GLY A 276 -6.94 25.81 -34.24
N LYS A 277 -7.86 25.22 -34.99
CA LYS A 277 -9.07 24.63 -34.43
C LYS A 277 -9.15 23.15 -34.79
N TYR A 278 -10.30 22.54 -34.50
CA TYR A 278 -10.58 21.16 -34.88
C TYR A 278 -9.56 20.20 -34.27
N ILE A 279 -9.55 20.15 -32.93
CA ILE A 279 -8.68 19.21 -32.24
C ILE A 279 -9.13 17.78 -32.54
N LEU A 280 -8.25 16.83 -32.25
CA LEU A 280 -8.51 15.41 -32.48
C LEU A 280 -8.83 14.72 -31.16
N LYS A 281 -9.94 13.99 -31.13
CA LYS A 281 -10.39 13.28 -29.94
C LYS A 281 -10.66 11.83 -30.29
N VAL A 282 -10.44 10.95 -29.31
CA VAL A 282 -10.68 9.52 -29.50
C VAL A 282 -12.17 9.26 -29.45
N CYS A 283 -12.71 8.63 -30.49
CA CYS A 283 -14.13 8.33 -30.53
C CYS A 283 -14.53 7.45 -29.35
N GLY A 284 -15.31 8.01 -28.43
CA GLY A 284 -15.68 7.28 -27.22
C GLY A 284 -15.25 7.99 -25.96
N CYS A 285 -14.35 7.37 -25.21
CA CYS A 285 -13.94 7.93 -23.93
C CYS A 285 -13.30 9.31 -24.11
N ASP A 286 -13.09 9.99 -22.98
CA ASP A 286 -12.49 11.32 -22.98
C ASP A 286 -10.98 11.16 -23.12
N GLU A 287 -10.49 11.30 -24.36
CA GLU A 287 -9.07 11.22 -24.64
C GLU A 287 -8.78 12.09 -25.86
N TYR A 288 -7.88 13.05 -25.71
CA TYR A 288 -7.65 14.06 -26.73
C TYR A 288 -6.19 14.02 -27.19
N PHE A 289 -5.98 14.44 -28.43
CA PHE A 289 -4.65 14.50 -29.05
C PHE A 289 -4.26 15.98 -29.13
N LEU A 290 -3.64 16.49 -28.07
CA LEU A 290 -3.31 17.90 -27.97
C LEU A 290 -1.82 18.16 -28.15
N GLU A 291 -0.97 17.52 -27.36
CA GLU A 291 0.45 17.79 -27.41
C GLU A 291 1.05 17.35 -28.74
N LYS A 292 2.13 18.00 -29.14
CA LYS A 292 2.80 17.72 -30.41
C LYS A 292 3.66 16.46 -30.23
N TYR A 293 3.08 15.32 -30.57
CA TYR A 293 3.72 14.02 -30.48
C TYR A 293 3.52 13.27 -31.79
N PRO A 294 4.41 12.33 -32.11
CA PRO A 294 4.15 11.44 -33.24
C PRO A 294 2.86 10.68 -33.02
N LEU A 295 2.13 10.43 -34.11
CA LEU A 295 0.80 9.84 -34.00
C LEU A 295 0.85 8.50 -33.28
N SER A 296 1.85 7.68 -33.58
CA SER A 296 1.97 6.36 -32.95
C SER A 296 2.55 6.44 -31.54
N GLN A 297 2.98 7.62 -31.10
CA GLN A 297 3.54 7.74 -29.75
C GLN A 297 2.50 7.52 -28.67
N TYR A 298 1.23 7.79 -28.97
CA TYR A 298 0.17 7.65 -27.99
C TYR A 298 -0.11 6.19 -27.70
N LYS A 299 -0.74 5.94 -26.55
CA LYS A 299 -1.06 4.58 -26.15
C LYS A 299 -2.22 4.01 -26.98
N TYR A 300 -3.22 4.84 -27.27
CA TYR A 300 -4.37 4.36 -28.02
C TYR A 300 -3.99 3.96 -29.44
N ILE A 301 -3.26 4.83 -30.14
CA ILE A 301 -2.89 4.56 -31.52
C ILE A 301 -1.94 3.37 -31.59
N ARG A 302 -1.02 3.26 -30.63
CA ARG A 302 -0.11 2.11 -30.62
C ARG A 302 -0.86 0.81 -30.40
N SER A 303 -1.86 0.83 -29.52
CA SER A 303 -2.63 -0.39 -29.26
C SER A 303 -3.36 -0.86 -30.52
N CYS A 304 -3.92 0.08 -31.27
CA CYS A 304 -4.60 -0.28 -32.51
C CYS A 304 -3.65 -0.95 -33.49
N ILE A 305 -2.42 -0.45 -33.58
CA ILE A 305 -1.43 -1.05 -34.47
C ILE A 305 -1.13 -2.48 -34.04
N MET A 306 -0.93 -2.69 -32.74
CA MET A 306 -0.54 -4.01 -32.25
C MET A 306 -1.65 -5.03 -32.44
N LEU A 307 -2.91 -4.62 -32.37
CA LEU A 307 -4.04 -5.52 -32.49
C LEU A 307 -4.65 -5.52 -33.89
N GLY A 308 -3.97 -4.93 -34.87
CA GLY A 308 -4.44 -4.95 -36.24
C GLY A 308 -5.81 -4.33 -36.42
N ARG A 309 -6.04 -3.17 -35.82
CA ARG A 309 -7.30 -2.46 -35.92
C ARG A 309 -7.08 -1.05 -36.43
N MET A 310 -8.06 -0.54 -37.17
CA MET A 310 -7.99 0.82 -37.69
C MET A 310 -8.52 1.79 -36.64
N PRO A 311 -7.70 2.71 -36.14
CA PRO A 311 -8.18 3.66 -35.13
C PRO A 311 -9.13 4.68 -35.75
N ASN A 312 -10.29 4.86 -35.11
CA ASN A 312 -11.28 5.84 -35.52
C ASN A 312 -11.26 7.01 -34.55
N LEU A 313 -11.15 8.22 -35.09
CA LEU A 313 -10.99 9.41 -34.27
C LEU A 313 -12.05 10.44 -34.65
N MET A 314 -12.31 11.34 -33.71
CA MET A 314 -13.32 12.38 -33.86
C MET A 314 -12.65 13.74 -33.99
N LEU A 315 -13.20 14.58 -34.87
CA LEU A 315 -12.71 15.93 -35.08
C LEU A 315 -13.60 16.90 -34.31
N MET A 316 -13.03 17.58 -33.32
CA MET A 316 -13.76 18.49 -32.46
C MET A 316 -13.15 19.88 -32.54
N ALA A 317 -14.01 20.90 -32.60
CA ALA A 317 -13.55 22.27 -32.64
C ALA A 317 -12.85 22.64 -31.34
N LYS A 318 -11.74 23.36 -31.45
CA LYS A 318 -10.97 23.72 -30.27
C LYS A 318 -11.77 24.59 -29.31
N GLU A 319 -12.51 25.57 -29.84
CA GLU A 319 -13.26 26.47 -28.98
C GLU A 319 -14.29 25.73 -28.15
N SER A 320 -14.89 24.66 -28.69
CA SER A 320 -15.89 23.91 -27.94
C SER A 320 -15.28 23.26 -26.71
N LEU A 321 -14.08 22.69 -26.83
CA LEU A 321 -13.46 22.03 -25.69
C LEU A 321 -13.13 23.03 -24.59
N TYR A 322 -12.61 24.20 -24.96
CA TYR A 322 -12.21 25.19 -23.96
C TYR A 322 -13.40 25.74 -23.19
N SER A 323 -14.61 25.61 -23.74
CA SER A 323 -15.80 26.08 -23.02
C SER A 323 -16.06 25.23 -21.79
N GLN A 324 -15.78 23.92 -21.86
CA GLN A 324 -16.00 23.04 -20.73
C GLN A 324 -15.00 23.26 -19.60
N LEU A 325 -13.85 23.85 -19.90
CA LEU A 325 -12.79 23.99 -18.90
C LEU A 325 -13.16 25.07 -17.89
N PRO A 326 -13.24 24.76 -16.61
CA PRO A 326 -13.52 25.77 -15.60
C PRO A 326 -12.24 26.46 -15.13
N MET A 327 -12.43 27.50 -14.32
CA MET A 327 -11.31 28.28 -13.80
C MET A 327 -10.81 27.67 -12.49
N ASP A 328 -9.51 27.83 -12.26
CA ASP A 328 -8.86 27.33 -11.05
C ASP A 328 -8.92 28.42 -9.99
N CYS A 329 -9.80 28.24 -9.01
CA CYS A 329 -9.99 29.21 -7.93
C CYS A 329 -9.37 28.63 -6.66
N PHE A 330 -8.09 28.89 -6.47
CA PHE A 330 -7.34 28.42 -5.32
C PHE A 330 -7.06 29.60 -4.39
N THR A 331 -7.66 29.58 -3.21
CA THR A 331 -7.48 30.61 -2.20
C THR A 331 -6.83 30.00 -0.96
N MET A 332 -5.80 30.68 -0.44
CA MET A 332 -5.09 30.15 0.70
C MET A 332 -6.04 30.04 1.90
N PRO A 333 -5.98 28.94 2.64
CA PRO A 333 -6.86 28.78 3.82
C PRO A 333 -6.47 29.68 4.97
N SER A 334 -7.20 29.60 6.08
CA SER A 334 -6.93 30.45 7.23
C SER A 334 -5.57 30.16 7.82
N TYR A 335 -5.20 28.88 7.92
CA TYR A 335 -3.94 28.51 8.56
C TYR A 335 -2.72 28.93 7.76
N SER A 336 -2.89 29.35 6.50
CA SER A 336 -1.75 29.77 5.69
C SER A 336 -1.17 31.10 6.12
N ARG A 337 -1.93 31.90 6.86
CA ARG A 337 -1.48 33.22 7.30
C ARG A 337 -0.82 33.20 8.67
N ARG A 338 -0.80 32.05 9.35
CA ARG A 338 -0.21 31.96 10.69
C ARG A 338 0.94 30.96 10.70
N SER A 351 23.19 29.67 22.61
CA SER A 351 21.96 29.20 21.99
C SER A 351 21.92 27.69 21.89
N THR A 352 22.52 27.16 20.83
CA THR A 352 22.57 25.73 20.58
C THR A 352 24.01 25.30 20.31
N LYS A 353 24.39 24.13 20.82
CA LYS A 353 25.71 23.57 20.62
C LYS A 353 25.62 22.36 19.71
N SER A 354 26.59 22.24 18.80
CA SER A 354 26.58 21.17 17.83
C SER A 354 26.60 19.80 18.51
N LEU A 355 26.07 18.80 17.80
CA LEU A 355 26.03 17.45 18.34
C LEU A 355 27.42 16.84 18.48
N TRP A 356 28.37 17.28 17.64
CA TRP A 356 29.70 16.69 17.61
C TRP A 356 30.58 17.10 18.77
N VAL A 357 30.13 18.05 19.60
CA VAL A 357 30.90 18.48 20.77
C VAL A 357 30.46 17.79 22.05
N ILE A 358 29.34 17.06 22.03
CA ILE A 358 28.85 16.36 23.21
C ILE A 358 29.60 15.04 23.31
N ASN A 359 30.36 14.87 24.39
CA ASN A 359 31.18 13.66 24.59
C ASN A 359 30.54 12.83 25.70
N SER A 360 29.70 11.89 25.29
CA SER A 360 29.06 10.97 26.23
C SER A 360 28.30 9.92 25.44
N ALA A 361 28.23 8.72 25.99
CA ALA A 361 27.50 7.64 25.35
C ALA A 361 26.00 7.91 25.38
N LEU A 362 25.31 7.53 24.32
CA LEU A 362 23.86 7.70 24.27
C LEU A 362 23.20 6.87 25.37
N ARG A 363 22.55 7.54 26.31
CA ARG A 363 21.97 6.90 27.47
C ARG A 363 20.49 7.25 27.57
N ILE A 364 19.66 6.22 27.74
CA ILE A 364 18.21 6.39 27.83
C ILE A 364 17.72 5.73 29.10
N LYS A 365 16.86 6.42 29.83
CA LYS A 365 16.32 5.93 31.10
C LYS A 365 14.87 5.51 30.90
N ILE A 366 14.59 4.23 31.16
CA ILE A 366 13.22 3.75 31.11
C ILE A 366 12.53 4.04 32.44
N LEU A 367 11.20 3.95 32.42
CA LEU A 367 10.41 4.23 33.61
C LEU A 367 9.17 3.35 33.59
N CYS A 368 8.20 3.67 34.43
CA CYS A 368 7.00 2.85 34.56
C CYS A 368 6.26 2.75 33.22
N ALA A 369 5.85 1.53 32.89
CA ALA A 369 4.95 1.30 31.76
C ALA A 369 3.52 1.37 32.26
N THR A 370 2.68 2.15 31.57
CA THR A 370 1.34 2.42 32.08
C THR A 370 0.59 1.13 32.36
N TYR A 371 0.62 0.19 31.42
CA TYR A 371 -0.02 -1.11 31.64
C TYR A 371 0.30 -2.03 30.46
N VAL A 372 0.28 -3.33 30.72
CA VAL A 372 0.50 -4.34 29.70
C VAL A 372 -0.52 -5.44 29.87
N ASN A 373 -1.10 -5.91 28.76
CA ASN A 373 -2.12 -6.95 28.78
C ASN A 373 -1.44 -8.30 28.78
N VAL A 374 -1.06 -8.75 29.97
CA VAL A 374 -0.39 -10.04 30.15
C VAL A 374 -0.97 -10.72 31.38
N ASN A 375 -1.28 -12.01 31.27
CA ASN A 375 -1.76 -12.77 32.41
C ASN A 375 -0.64 -12.95 33.42
N ILE A 376 -0.97 -12.79 34.71
CA ILE A 376 0.04 -12.84 35.76
C ILE A 376 0.64 -14.24 35.90
N ARG A 377 -0.12 -15.28 35.56
CA ARG A 377 0.34 -16.66 35.74
C ARG A 377 0.92 -17.27 34.46
N ASP A 378 0.33 -16.95 33.30
CA ASP A 378 0.81 -17.53 32.06
C ASP A 378 2.25 -17.11 31.77
N ILE A 379 2.58 -15.84 32.01
CA ILE A 379 3.90 -15.30 31.73
C ILE A 379 4.59 -14.97 33.04
N ASP A 380 5.84 -15.43 33.18
CA ASP A 380 6.55 -15.27 34.44
C ASP A 380 6.92 -13.81 34.68
N LYS A 381 7.73 -13.23 33.79
CA LYS A 381 8.21 -11.88 33.97
C LYS A 381 8.35 -11.21 32.61
N ILE A 382 8.41 -9.87 32.64
CA ILE A 382 8.52 -9.07 31.43
C ILE A 382 9.74 -8.18 31.53
N TYR A 383 10.21 -7.73 30.37
CA TYR A 383 11.35 -6.82 30.29
C TYR A 383 11.21 -5.99 29.02
N VAL A 384 11.98 -4.91 28.95
CA VAL A 384 11.94 -3.99 27.83
C VAL A 384 13.22 -4.15 27.04
N ARG A 385 13.09 -4.44 25.75
CA ARG A 385 14.24 -4.56 24.84
C ARG A 385 14.34 -3.31 23.99
N THR A 386 15.55 -2.77 23.90
CA THR A 386 15.79 -1.54 23.15
C THR A 386 17.02 -1.71 22.27
N GLY A 387 17.17 -0.78 21.32
CA GLY A 387 18.30 -0.80 20.41
C GLY A 387 18.27 0.32 19.41
N ILE A 388 19.43 0.93 19.16
CA ILE A 388 19.54 2.01 18.18
C ILE A 388 19.67 1.41 16.79
N TYR A 389 18.79 1.81 15.88
CA TYR A 389 18.77 1.30 14.52
C TYR A 389 18.96 2.44 13.53
N HIS A 390 19.52 2.11 12.37
CA HIS A 390 19.63 3.03 11.25
C HIS A 390 19.11 2.31 10.01
N GLY A 391 17.85 2.55 9.66
CA GLY A 391 17.22 1.80 8.60
C GLY A 391 16.68 0.48 9.12
N GLY A 392 17.40 -0.60 8.86
CA GLY A 392 17.04 -1.90 9.40
C GLY A 392 18.20 -2.53 10.14
N GLU A 393 19.39 -1.93 10.00
CA GLU A 393 20.62 -2.44 10.60
C GLU A 393 20.87 -1.75 11.93
N PRO A 394 21.08 -2.51 13.01
CA PRO A 394 21.39 -1.87 14.30
C PRO A 394 22.71 -1.14 14.26
N LEU A 395 22.79 -0.06 15.05
CA LEU A 395 24.02 0.68 15.22
C LEU A 395 24.86 0.17 16.39
N CYS A 396 24.33 -0.75 17.19
CA CYS A 396 25.04 -1.31 18.33
C CYS A 396 24.27 -2.54 18.78
N ASP A 397 24.68 -3.10 19.92
CA ASP A 397 24.01 -4.27 20.47
C ASP A 397 22.77 -3.85 21.23
N ASN A 398 21.70 -4.64 21.08
CA ASN A 398 20.46 -4.35 21.79
C ASN A 398 20.65 -4.47 23.29
N VAL A 399 20.11 -3.50 24.02
CA VAL A 399 20.19 -3.48 25.48
C VAL A 399 18.87 -3.98 26.04
N ASN A 400 18.92 -4.52 27.26
CA ASN A 400 17.74 -5.08 27.91
C ASN A 400 17.64 -4.56 29.33
N THR A 401 16.41 -4.50 29.83
CA THR A 401 16.14 -4.11 31.20
C THR A 401 15.96 -5.34 32.08
N GLN A 402 16.24 -5.18 33.37
CA GLN A 402 16.09 -6.29 34.29
C GLN A 402 14.66 -6.79 34.31
N ARG A 403 14.48 -8.11 34.25
CA ARG A 403 13.15 -8.68 34.26
C ARG A 403 12.43 -8.33 35.56
N VAL A 404 11.17 -7.93 35.44
CA VAL A 404 10.35 -7.60 36.60
C VAL A 404 9.01 -8.34 36.48
N PRO A 405 8.35 -8.65 37.59
CA PRO A 405 7.06 -9.34 37.50
C PRO A 405 6.05 -8.47 36.76
N CYS A 406 5.15 -9.15 36.03
CA CYS A 406 4.19 -8.42 35.21
C CYS A 406 3.02 -7.93 36.05
N SER A 407 3.33 -7.26 37.16
CA SER A 407 2.31 -6.61 37.98
C SER A 407 2.77 -5.20 38.35
N ASN A 408 4.08 -5.01 38.41
CA ASN A 408 4.68 -3.72 38.77
C ASN A 408 5.82 -3.41 37.80
N PRO A 409 5.50 -3.03 36.57
CA PRO A 409 6.55 -2.69 35.60
C PRO A 409 7.20 -1.35 35.91
N ARG A 410 8.13 -1.33 36.87
CA ARG A 410 8.74 -0.07 37.29
C ARG A 410 9.85 0.35 36.34
N TRP A 411 10.89 -0.46 36.23
CA TRP A 411 12.03 -0.19 35.35
C TRP A 411 12.56 1.23 35.54
N ASN A 412 13.05 1.50 36.75
CA ASN A 412 13.77 2.74 37.03
C ASN A 412 15.25 2.52 36.78
N GLU A 413 15.58 2.29 35.51
CA GLU A 413 16.91 1.88 35.10
C GLU A 413 17.45 2.81 34.02
N TRP A 414 18.76 2.97 34.00
CA TRP A 414 19.46 3.72 32.95
C TRP A 414 20.04 2.73 31.95
N LEU A 415 19.65 2.87 30.69
CA LEU A 415 20.15 2.01 29.62
C LEU A 415 21.37 2.66 28.97
N ASN A 416 22.45 1.89 28.84
CA ASN A 416 23.70 2.37 28.27
C ASN A 416 23.92 1.74 26.91
N TYR A 417 24.27 2.55 25.93
CA TYR A 417 24.51 2.09 24.57
C TYR A 417 25.97 2.29 24.19
N ASP A 418 26.48 1.40 23.36
CA ASP A 418 27.88 1.41 22.95
C ASP A 418 28.18 2.45 21.88
N ILE A 419 27.26 3.39 21.62
CA ILE A 419 27.43 4.40 20.58
C ILE A 419 27.58 5.76 21.25
N TYR A 420 28.63 6.49 20.85
CA TYR A 420 28.82 7.84 21.34
C TYR A 420 27.79 8.77 20.72
N ILE A 421 27.48 9.85 21.44
CA ILE A 421 26.51 10.83 20.94
C ILE A 421 26.97 11.44 19.61
N PRO A 422 28.22 11.88 19.45
CA PRO A 422 28.63 12.47 18.17
C PRO A 422 28.54 11.51 16.99
N ASP A 423 28.55 10.20 17.23
CA ASP A 423 28.52 9.21 16.17
C ASP A 423 27.10 8.88 15.72
N LEU A 424 26.08 9.51 16.29
CA LEU A 424 24.71 9.21 15.93
C LEU A 424 24.40 9.73 14.53
N PRO A 425 23.98 8.88 13.60
CA PRO A 425 23.55 9.39 12.29
C PRO A 425 22.23 10.15 12.40
N ARG A 426 22.00 11.03 11.44
CA ARG A 426 20.80 11.85 11.45
C ARG A 426 19.52 11.04 11.36
N ALA A 427 19.58 9.82 10.82
CA ALA A 427 18.41 8.98 10.65
C ALA A 427 18.31 7.88 11.69
N ALA A 428 18.96 8.06 12.83
CA ALA A 428 18.94 7.04 13.88
C ALA A 428 17.57 7.00 14.55
N ARG A 429 17.16 5.80 14.97
CA ARG A 429 15.90 5.58 15.66
C ARG A 429 16.13 4.67 16.84
N LEU A 430 15.27 4.81 17.85
CA LEU A 430 15.31 3.97 19.05
C LEU A 430 14.12 3.04 19.00
N CYS A 431 14.36 1.81 18.53
CA CYS A 431 13.33 0.78 18.49
C CYS A 431 13.32 0.03 19.82
N LEU A 432 12.18 0.03 20.49
CA LEU A 432 12.05 -0.64 21.78
C LEU A 432 10.74 -1.41 21.80
N SER A 433 10.69 -2.44 22.64
CA SER A 433 9.51 -3.29 22.73
C SER A 433 9.46 -3.91 24.12
N ILE A 434 8.27 -4.36 24.51
CA ILE A 434 8.06 -5.05 25.77
C ILE A 434 7.95 -6.54 25.47
N CYS A 435 8.88 -7.32 26.00
CA CYS A 435 8.92 -8.76 25.77
C CYS A 435 8.67 -9.51 27.07
N SER A 436 8.01 -10.65 26.96
CA SER A 436 7.67 -11.48 28.10
C SER A 436 8.43 -12.79 28.00
N VAL A 437 9.28 -13.06 28.98
CA VAL A 437 10.10 -14.26 28.99
C VAL A 437 9.35 -15.37 29.71
N LYS A 438 9.18 -16.51 29.05
CA LYS A 438 8.50 -17.64 29.67
C LYS A 438 9.39 -18.28 30.74
N GLY A 439 10.66 -18.53 30.41
CA GLY A 439 11.57 -19.12 31.37
C GLY A 439 11.12 -20.44 31.93
N ARG A 440 10.55 -21.31 31.09
CA ARG A 440 10.00 -22.58 31.53
C ARG A 440 10.41 -23.66 30.53
N LYS A 441 9.80 -24.84 30.66
CA LYS A 441 10.09 -26.00 29.81
C LYS A 441 11.44 -26.62 30.12
N GLY A 442 11.95 -26.43 31.34
CA GLY A 442 13.21 -27.03 31.74
C GLY A 442 14.42 -26.25 31.29
N ALA A 443 14.75 -26.34 30.00
CA ALA A 443 15.91 -25.67 29.43
C ALA A 443 15.50 -24.84 28.21
N LYS A 444 14.38 -24.12 28.32
CA LYS A 444 13.88 -23.30 27.24
C LYS A 444 13.56 -21.91 27.76
N GLU A 445 13.79 -20.91 26.91
CA GLU A 445 13.54 -19.51 27.24
C GLU A 445 12.97 -18.83 26.00
N GLU A 446 11.65 -18.65 25.98
CA GLU A 446 10.95 -18.08 24.85
C GLU A 446 10.54 -16.65 25.15
N HIS A 447 10.90 -15.72 24.26
CA HIS A 447 10.52 -14.33 24.37
C HIS A 447 9.45 -14.02 23.34
N CYS A 448 8.36 -13.39 23.78
CA CYS A 448 7.25 -13.03 22.91
C CYS A 448 6.95 -11.55 23.10
N PRO A 449 7.07 -10.73 22.06
CA PRO A 449 6.82 -9.29 22.22
C PRO A 449 5.37 -9.01 22.58
N LEU A 450 5.17 -7.95 23.37
CA LEU A 450 3.84 -7.51 23.75
C LEU A 450 3.44 -6.18 23.11
N ALA A 451 4.40 -5.40 22.65
CA ALA A 451 4.14 -4.11 22.00
C ALA A 451 5.48 -3.58 21.50
N TRP A 452 5.41 -2.55 20.66
CA TRP A 452 6.61 -1.97 20.08
C TRP A 452 6.38 -0.50 19.83
N GLY A 453 7.48 0.24 19.68
CA GLY A 453 7.40 1.66 19.40
C GLY A 453 8.74 2.26 19.02
N ASN A 454 8.79 3.01 17.93
CA ASN A 454 10.00 3.65 17.47
C ASN A 454 9.98 5.13 17.83
N ILE A 455 11.16 5.68 18.07
CA ILE A 455 11.32 7.08 18.45
C ILE A 455 12.50 7.67 17.69
N ASN A 456 12.25 8.73 16.93
CA ASN A 456 13.34 9.43 16.27
C ASN A 456 14.20 10.15 17.30
N LEU A 457 15.52 10.06 17.15
CA LEU A 457 16.43 10.76 18.04
C LEU A 457 16.60 12.22 17.67
N PHE A 458 16.15 12.63 16.47
CA PHE A 458 16.23 14.02 16.03
C PHE A 458 14.87 14.41 15.48
N ASP A 459 14.20 15.36 16.12
CA ASP A 459 12.96 15.86 15.58
C ASP A 459 13.22 16.58 14.25
N TYR A 460 12.14 16.87 13.53
CA TYR A 460 12.27 17.40 12.18
C TYR A 460 13.10 18.68 12.11
N THR A 461 13.40 19.31 13.24
CA THR A 461 14.19 20.53 13.27
C THR A 461 15.67 20.28 13.48
N ASP A 462 16.11 19.02 13.44
CA ASP A 462 17.51 18.63 13.61
C ASP A 462 17.96 18.68 15.07
N THR A 463 17.03 18.69 16.01
CA THR A 463 17.35 18.80 17.43
C THR A 463 17.26 17.42 18.08
N LEU A 464 18.27 17.10 18.89
CA LEU A 464 18.27 15.82 19.60
C LEU A 464 17.22 15.84 20.69
N VAL A 465 16.44 14.77 20.79
CA VAL A 465 15.36 14.70 21.76
C VAL A 465 15.95 14.69 23.17
N SER A 466 15.41 15.56 24.03
CA SER A 466 15.87 15.67 25.40
C SER A 466 14.68 15.80 26.33
N GLY A 467 14.88 15.40 27.58
CA GLY A 467 13.84 15.51 28.59
C GLY A 467 12.84 14.37 28.54
N LYS A 468 11.89 14.43 29.47
CA LYS A 468 10.87 13.40 29.58
C LYS A 468 10.07 13.32 28.29
N MET A 469 9.49 12.14 28.05
CA MET A 469 8.69 11.90 26.85
C MET A 469 7.87 10.64 27.05
N ALA A 470 6.58 10.72 26.73
CA ALA A 470 5.66 9.60 26.85
C ALA A 470 5.38 9.03 25.47
N LEU A 471 5.51 7.71 25.34
CA LEU A 471 5.35 7.03 24.07
C LEU A 471 4.29 5.94 24.21
N ASN A 472 3.35 5.91 23.27
CA ASN A 472 2.31 4.88 23.24
C ASN A 472 2.74 3.76 22.31
N LEU A 473 2.60 2.53 22.78
CA LEU A 473 3.03 1.37 22.02
C LEU A 473 1.94 0.90 21.06
N TRP A 474 2.36 0.08 20.08
CA TRP A 474 1.48 -0.42 19.05
C TRP A 474 1.21 -1.91 19.24
N PRO A 475 0.06 -2.40 18.78
CA PRO A 475 -0.17 -3.85 18.80
C PRO A 475 0.80 -4.58 17.89
N VAL A 476 1.17 -5.78 18.28
CA VAL A 476 2.15 -6.56 17.50
C VAL A 476 1.53 -6.94 16.16
N PRO A 477 2.25 -6.77 15.05
CA PRO A 477 1.69 -7.18 13.75
C PRO A 477 1.50 -8.68 13.68
N HIS A 478 0.50 -9.09 12.91
CA HIS A 478 0.21 -10.51 12.75
C HIS A 478 1.36 -11.22 12.04
N GLY A 479 1.70 -12.41 12.54
CA GLY A 479 2.75 -13.20 11.93
C GLY A 479 4.15 -12.67 12.12
N LEU A 480 4.39 -11.93 13.19
CA LEU A 480 5.71 -11.38 13.48
C LEU A 480 6.25 -12.01 14.76
N GLU A 481 7.51 -12.47 14.71
CA GLU A 481 8.15 -13.10 15.85
C GLU A 481 9.39 -12.36 16.35
N ASP A 482 9.96 -11.46 15.56
CA ASP A 482 11.14 -10.72 16.00
C ASP A 482 10.78 -9.85 17.21
N LEU A 483 11.72 -9.75 18.16
CA LEU A 483 11.45 -8.99 19.37
C LEU A 483 11.23 -7.52 19.06
N LEU A 484 12.01 -6.96 18.15
CA LEU A 484 11.89 -5.56 17.77
C LEU A 484 11.25 -5.45 16.39
N ASN A 485 10.76 -4.25 16.09
CA ASN A 485 10.11 -3.95 14.82
C ASN A 485 10.74 -2.69 14.23
N PRO A 486 12.00 -2.77 13.80
CA PRO A 486 12.64 -1.59 13.21
C PRO A 486 11.92 -1.06 11.98
N ILE A 487 11.30 -1.93 11.19
CA ILE A 487 10.58 -1.50 9.98
C ILE A 487 9.16 -1.17 10.42
N GLY A 488 8.98 0.07 10.88
CA GLY A 488 7.68 0.51 11.35
C GLY A 488 7.63 2.01 11.45
N VAL A 489 6.42 2.53 11.58
CA VAL A 489 6.21 3.97 11.67
C VAL A 489 6.77 4.48 13.00
N THR A 490 7.55 5.56 12.94
CA THR A 490 8.17 6.13 14.12
C THR A 490 7.25 7.20 14.69
N GLY A 491 6.41 6.81 15.63
CA GLY A 491 5.49 7.75 16.26
C GLY A 491 4.74 7.08 17.38
N SER A 492 4.01 7.91 18.13
CA SER A 492 3.21 7.41 19.23
C SER A 492 1.84 6.96 18.74
N ASN A 493 1.28 5.98 19.43
CA ASN A 493 -0.03 5.45 19.06
C ASN A 493 -1.09 6.52 19.27
N PRO A 494 -1.87 6.88 18.24
CA PRO A 494 -2.92 7.89 18.45
C PRO A 494 -3.93 7.49 19.49
N ASN A 495 -4.24 6.20 19.60
CA ASN A 495 -5.20 5.70 20.58
C ASN A 495 -4.52 5.67 21.94
N LYS A 496 -4.83 6.65 22.79
CA LYS A 496 -4.20 6.79 24.09
C LYS A 496 -4.63 5.71 25.08
N GLU A 497 -5.45 4.74 24.66
CA GLU A 497 -5.89 3.66 25.53
C GLU A 497 -5.10 2.37 25.30
N THR A 498 -3.82 2.50 24.98
CA THR A 498 -2.94 1.36 24.74
C THR A 498 -1.77 1.41 25.71
N PRO A 499 -0.91 0.39 25.72
CA PRO A 499 0.25 0.43 26.62
C PRO A 499 1.09 1.68 26.37
N CYS A 500 1.54 2.31 27.45
CA CYS A 500 2.31 3.54 27.39
C CYS A 500 3.63 3.34 28.12
N LEU A 501 4.72 3.69 27.46
CA LEU A 501 6.06 3.59 28.04
C LEU A 501 6.62 4.99 28.21
N GLU A 502 7.11 5.28 29.42
CA GLU A 502 7.66 6.59 29.76
C GLU A 502 9.18 6.53 29.66
N LEU A 503 9.75 7.36 28.80
CA LEU A 503 11.19 7.45 28.62
C LEU A 503 11.69 8.79 29.17
N GLU A 504 13.01 8.89 29.26
CA GLU A 504 13.63 10.14 29.72
C GLU A 504 15.05 10.17 29.19
N PHE A 505 15.30 11.02 28.19
CA PHE A 505 16.63 11.18 27.63
C PHE A 505 17.41 12.22 28.43
N ASP A 506 18.69 11.94 28.65
CA ASP A 506 19.49 12.78 29.52
C ASP A 506 19.60 14.20 28.95
N TRP A 507 19.73 15.17 29.85
CA TRP A 507 19.75 16.59 29.50
C TRP A 507 21.18 17.10 29.56
N PHE A 508 21.59 17.81 28.50
CA PHE A 508 22.96 18.29 28.36
C PHE A 508 23.12 19.76 28.75
N SER A 509 22.16 20.31 29.48
CA SER A 509 22.14 21.71 29.89
C SER A 509 21.90 22.66 28.73
N SER A 510 21.66 22.13 27.52
CA SER A 510 21.41 22.95 26.34
C SER A 510 20.81 22.05 25.28
N VAL A 511 20.35 22.68 24.20
CA VAL A 511 19.77 21.94 23.08
C VAL A 511 20.88 21.55 22.12
N VAL A 512 20.90 20.27 21.74
CA VAL A 512 21.91 19.73 20.84
C VAL A 512 21.34 19.70 19.44
N LYS A 513 22.02 20.35 18.50
CA LYS A 513 21.57 20.46 17.12
C LYS A 513 22.54 19.72 16.21
N PHE A 514 22.00 18.89 15.33
CA PHE A 514 22.84 18.17 14.38
C PHE A 514 23.59 19.17 13.51
N PRO A 515 24.88 18.97 13.27
CA PRO A 515 25.65 19.97 12.50
C PRO A 515 25.07 20.17 11.11
N ASP A 516 25.15 21.41 10.64
CA ASP A 516 24.63 21.76 9.32
C ASP A 516 25.54 21.19 8.24
N MET A 517 25.19 21.51 6.99
CA MET A 517 25.96 20.99 5.85
C MET A 517 27.40 21.48 5.89
N SER A 518 27.60 22.76 6.23
CA SER A 518 28.94 23.33 6.19
C SER A 518 29.89 22.61 7.15
N VAL A 519 29.42 22.31 8.36
CA VAL A 519 30.29 21.66 9.34
C VAL A 519 30.72 20.29 8.85
N ILE A 520 29.79 19.52 8.28
CA ILE A 520 30.13 18.18 7.83
C ILE A 520 31.15 18.22 6.69
N GLU A 521 31.03 19.22 5.82
CA GLU A 521 31.98 19.31 4.70
C GLU A 521 33.40 19.53 5.20
N GLU A 522 33.57 20.36 6.23
CA GLU A 522 34.91 20.59 6.76
C GLU A 522 35.51 19.31 7.32
N HIS A 523 34.72 18.53 8.06
CA HIS A 523 35.23 17.28 8.60
C HIS A 523 35.60 16.30 7.49
N ALA A 524 34.74 16.20 6.47
CA ALA A 524 35.05 15.36 5.32
C ALA A 524 36.10 16.02 4.43
N ASN A 525 36.87 15.18 3.74
CA ASN A 525 37.99 15.60 2.90
C ASN A 525 39.10 16.25 3.70
N TRP A 526 38.97 16.31 5.03
CA TRP A 526 39.99 16.87 5.92
C TRP A 526 40.92 15.81 6.48
N SER A 527 40.40 14.61 6.75
CA SER A 527 41.24 13.52 7.23
C SER A 527 42.06 12.88 6.13
N VAL A 528 41.73 13.15 4.86
CA VAL A 528 42.47 12.58 3.74
C VAL A 528 43.85 13.23 3.63
N LEU A 551 46.69 5.46 -9.55
CA LEU A 551 45.63 5.98 -10.41
C LEU A 551 44.60 4.90 -10.72
N ARG A 552 44.54 4.48 -11.97
CA ARG A 552 43.60 3.44 -12.38
C ARG A 552 44.07 2.07 -11.89
N GLU A 553 43.13 1.13 -11.85
CA GLU A 553 43.41 -0.23 -11.39
C GLU A 553 42.98 -1.21 -12.48
N ASN A 554 43.86 -2.17 -12.77
CA ASN A 554 43.54 -3.19 -13.77
C ASN A 554 42.35 -4.05 -13.32
N ASP A 555 42.31 -4.40 -12.03
CA ASP A 555 41.25 -5.26 -11.52
C ASP A 555 39.99 -4.46 -11.22
N LYS A 556 39.50 -3.72 -12.22
CA LYS A 556 38.23 -3.02 -12.10
C LYS A 556 37.05 -3.89 -12.51
N GLU A 557 37.30 -5.10 -13.02
CA GLU A 557 36.21 -5.99 -13.40
C GLU A 557 35.38 -6.40 -12.20
N GLN A 558 36.00 -6.48 -11.01
CA GLN A 558 35.25 -6.84 -9.81
C GLN A 558 34.18 -5.80 -9.52
N LEU A 559 34.50 -4.51 -9.70
CA LEU A 559 33.49 -3.47 -9.51
C LEU A 559 32.33 -3.65 -10.49
N LYS A 560 32.64 -4.00 -11.74
CA LYS A 560 31.58 -4.25 -12.71
C LYS A 560 30.73 -5.44 -12.29
N ALA A 561 31.35 -6.50 -11.79
CA ALA A 561 30.60 -7.68 -11.37
C ALA A 561 29.67 -7.37 -10.21
N ILE A 562 30.16 -6.59 -9.23
CA ILE A 562 29.33 -6.28 -8.06
C ILE A 562 28.12 -5.45 -8.46
N SER A 563 28.28 -4.57 -9.45
CA SER A 563 27.18 -3.71 -9.85
C SER A 563 25.99 -4.51 -10.37
N THR A 564 26.26 -5.56 -11.15
CA THR A 564 25.18 -6.33 -11.76
C THR A 564 24.41 -7.18 -10.76
N ARG A 565 25.00 -7.48 -9.60
CA ARG A 565 24.33 -8.34 -8.64
C ARG A 565 23.06 -7.68 -8.13
N ASP A 566 22.03 -8.51 -7.90
CA ASP A 566 20.73 -8.00 -7.50
C ASP A 566 20.78 -7.43 -6.09
N PRO A 567 19.83 -6.56 -5.75
CA PRO A 567 19.87 -5.91 -4.43
C PRO A 567 19.84 -6.88 -3.26
N LEU A 568 19.15 -8.01 -3.40
CA LEU A 568 19.01 -8.95 -2.29
C LEU A 568 20.19 -9.92 -2.19
N SER A 569 21.15 -9.84 -3.09
CA SER A 569 22.29 -10.76 -3.06
C SER A 569 23.12 -10.54 -1.81
N GLU A 570 23.75 -11.61 -1.33
CA GLU A 570 24.63 -11.53 -0.19
C GLU A 570 25.93 -10.82 -0.56
N ILE A 571 26.37 -9.91 0.31
CA ILE A 571 27.62 -9.19 0.13
C ILE A 571 28.52 -9.52 1.31
N THR A 572 29.74 -9.97 1.01
CA THR A 572 30.68 -10.42 2.03
C THR A 572 31.49 -9.24 2.56
N GLU A 573 32.10 -9.46 3.73
CA GLU A 573 32.93 -8.42 4.33
C GLU A 573 34.16 -8.10 3.48
N GLN A 574 34.58 -9.02 2.61
CA GLN A 574 35.71 -8.72 1.73
C GLN A 574 35.30 -7.75 0.63
N GLU A 575 34.06 -7.83 0.14
CA GLU A 575 33.59 -6.87 -0.84
C GLU A 575 33.29 -5.52 -0.19
N LYS A 576 32.70 -5.53 1.00
CA LYS A 576 32.42 -4.28 1.69
C LYS A 576 33.69 -3.50 1.95
N ASP A 577 34.75 -4.17 2.40
CA ASP A 577 36.04 -3.51 2.58
C ASP A 577 36.73 -3.22 1.26
N PHE A 578 36.23 -3.77 0.14
CA PHE A 578 36.82 -3.53 -1.17
C PHE A 578 36.15 -2.37 -1.90
N LEU A 579 34.82 -2.27 -1.81
CA LEU A 579 34.12 -1.15 -2.43
C LEU A 579 34.53 0.16 -1.77
N TRP A 580 34.63 0.18 -0.45
CA TRP A 580 34.96 1.42 0.25
C TRP A 580 36.35 1.91 -0.12
N SER A 581 37.32 0.99 -0.20
CA SER A 581 38.69 1.40 -0.55
C SER A 581 38.73 2.04 -1.93
N HIS A 582 37.97 1.47 -2.88
CA HIS A 582 37.89 2.00 -4.24
C HIS A 582 36.64 2.86 -4.44
N ARG A 583 36.22 3.58 -3.41
CA ARG A 583 35.02 4.41 -3.53
C ARG A 583 35.20 5.53 -4.54
N HIS A 584 36.41 6.07 -4.64
CA HIS A 584 36.64 7.19 -5.56
C HIS A 584 36.59 6.74 -7.01
N TYR A 585 36.95 5.50 -7.29
CA TYR A 585 36.88 4.96 -8.65
C TYR A 585 35.50 4.39 -8.98
N CYS A 586 34.58 4.38 -8.02
CA CYS A 586 33.22 3.91 -8.28
C CYS A 586 32.35 4.96 -8.95
N VAL A 587 32.77 6.23 -8.93
CA VAL A 587 32.00 7.28 -9.61
C VAL A 587 31.93 7.01 -11.10
N THR A 588 32.94 6.33 -11.65
CA THR A 588 32.90 5.94 -13.05
C THR A 588 31.88 4.83 -13.31
N ILE A 589 31.32 4.24 -12.27
CA ILE A 589 30.28 3.22 -12.39
C ILE A 589 29.10 3.65 -11.53
N PRO A 590 28.26 4.56 -12.00
CA PRO A 590 27.19 5.09 -11.15
C PRO A 590 26.23 4.04 -10.64
N GLU A 591 26.11 2.89 -11.31
CA GLU A 591 25.20 1.84 -10.86
C GLU A 591 25.64 1.20 -9.56
N ILE A 592 26.86 1.47 -9.09
CA ILE A 592 27.36 0.84 -7.88
C ILE A 592 27.00 1.62 -6.62
N LEU A 593 26.28 2.72 -6.74
CA LEU A 593 25.95 3.52 -5.56
C LEU A 593 25.16 2.74 -4.52
N PRO A 594 24.10 2.01 -4.87
CA PRO A 594 23.39 1.24 -3.84
C PRO A 594 24.27 0.23 -3.13
N LYS A 595 25.24 -0.36 -3.84
CA LYS A 595 26.16 -1.29 -3.21
C LYS A 595 27.20 -0.58 -2.35
N LEU A 596 27.61 0.62 -2.75
CA LEU A 596 28.58 1.39 -1.98
C LEU A 596 27.95 2.07 -0.77
N LEU A 597 26.62 2.17 -0.73
CA LEU A 597 25.95 2.72 0.45
C LEU A 597 25.82 1.71 1.57
N LEU A 598 25.98 0.42 1.28
CA LEU A 598 25.92 -0.63 2.29
C LEU A 598 27.29 -1.01 2.84
N SER A 599 28.36 -0.46 2.27
CA SER A 599 29.72 -0.74 2.71
C SER A 599 30.27 0.32 3.66
N VAL A 600 29.45 1.29 4.06
CA VAL A 600 29.88 2.38 4.92
C VAL A 600 29.33 2.14 6.31
N LYS A 601 30.21 2.21 7.32
CA LYS A 601 29.79 2.08 8.71
C LYS A 601 29.08 3.35 9.14
N TRP A 602 27.78 3.26 9.39
CA TRP A 602 26.99 4.46 9.67
C TRP A 602 27.16 4.95 11.11
N ASN A 603 27.67 4.13 12.00
CA ASN A 603 27.97 4.56 13.37
C ASN A 603 29.41 5.05 13.50
N SER A 604 29.82 5.91 12.57
CA SER A 604 31.15 6.50 12.60
C SER A 604 31.10 7.79 11.79
N ARG A 605 31.07 8.94 12.49
CA ARG A 605 30.92 10.21 11.79
C ARG A 605 32.06 10.45 10.79
N ASP A 606 33.23 9.84 11.01
CA ASP A 606 34.33 10.04 10.08
C ASP A 606 34.02 9.44 8.71
N GLU A 607 33.45 8.23 8.69
CA GLU A 607 33.14 7.59 7.42
C GLU A 607 31.88 8.18 6.77
N VAL A 608 30.89 8.53 7.58
CA VAL A 608 29.67 9.11 7.02
C VAL A 608 29.95 10.47 6.41
N ALA A 609 30.87 11.23 7.01
CA ALA A 609 31.21 12.54 6.46
C ALA A 609 31.81 12.41 5.06
N GLN A 610 32.67 11.42 4.86
CA GLN A 610 33.26 11.21 3.54
C GLN A 610 32.20 10.79 2.52
N MET A 611 31.24 9.98 2.95
CA MET A 611 30.21 9.52 2.02
C MET A 611 29.36 10.67 1.51
N TYR A 612 29.04 11.64 2.38
CA TYR A 612 28.22 12.77 1.95
C TYR A 612 28.87 13.55 0.83
N CYS A 613 30.21 13.51 0.73
CA CYS A 613 30.88 14.21 -0.35
C CYS A 613 30.70 13.48 -1.68
N LEU A 614 30.81 12.15 -1.66
CA LEU A 614 30.62 11.38 -2.89
C LEU A 614 29.20 11.54 -3.43
N VAL A 615 28.20 11.49 -2.53
CA VAL A 615 26.82 11.63 -2.97
C VAL A 615 26.56 13.02 -3.54
N LYS A 616 27.29 14.02 -3.06
CA LYS A 616 27.04 15.39 -3.48
C LYS A 616 27.30 15.56 -4.98
N ASP A 617 28.38 14.99 -5.50
CA ASP A 617 28.79 15.14 -6.88
C ASP A 617 28.77 13.81 -7.62
N TRP A 618 27.73 13.01 -7.39
CA TRP A 618 27.59 11.72 -8.05
C TRP A 618 26.84 11.88 -9.37
N PRO A 619 27.19 11.07 -10.38
CA PRO A 619 26.46 11.14 -11.64
C PRO A 619 25.02 10.71 -11.45
N PRO A 620 24.11 11.23 -12.25
CA PRO A 620 22.70 10.83 -12.13
C PRO A 620 22.46 9.46 -12.74
N ILE A 621 21.64 8.67 -12.07
CA ILE A 621 21.35 7.30 -12.48
C ILE A 621 19.91 7.22 -12.98
N LYS A 622 19.58 6.09 -13.58
CA LYS A 622 18.24 5.90 -14.12
C LYS A 622 17.21 5.84 -13.00
N PRO A 623 15.98 6.26 -13.28
CA PRO A 623 14.94 6.18 -12.24
C PRO A 623 14.72 4.78 -11.70
N GLU A 624 14.90 3.76 -12.54
CA GLU A 624 14.75 2.39 -12.07
C GLU A 624 15.76 2.06 -10.98
N GLN A 625 17.01 2.48 -11.18
CA GLN A 625 18.05 2.25 -10.18
C GLN A 625 17.90 3.21 -9.00
N ALA A 626 17.54 4.46 -9.27
CA ALA A 626 17.36 5.45 -8.22
C ALA A 626 16.07 5.26 -7.44
N MET A 627 15.16 4.41 -7.91
CA MET A 627 13.93 4.14 -7.17
C MET A 627 14.16 3.19 -6.01
N GLU A 628 15.26 2.44 -6.01
CA GLU A 628 15.59 1.55 -4.90
C GLU A 628 16.30 2.26 -3.76
N LEU A 629 16.73 3.50 -3.96
CA LEU A 629 17.30 4.31 -2.89
C LEU A 629 16.22 4.97 -2.04
N LEU A 630 14.95 4.66 -2.29
CA LEU A 630 13.84 5.25 -1.57
C LEU A 630 13.19 4.28 -0.59
N ASP A 631 13.59 3.01 -0.58
CA ASP A 631 13.00 2.02 0.29
C ASP A 631 13.60 2.14 1.70
N CYS A 632 13.32 1.15 2.55
CA CYS A 632 13.68 1.24 3.97
C CYS A 632 15.16 0.99 4.23
N ASN A 633 15.93 0.54 3.23
CA ASN A 633 17.34 0.24 3.45
C ASN A 633 18.23 1.48 3.41
N TYR A 634 17.72 2.60 2.91
CA TYR A 634 18.51 3.82 2.75
C TYR A 634 17.76 4.98 3.38
N PRO A 635 17.77 5.09 4.71
CA PRO A 635 17.00 6.13 5.40
C PRO A 635 17.70 7.47 5.55
N ASP A 636 18.91 7.62 5.03
CA ASP A 636 19.62 8.88 5.18
C ASP A 636 18.90 9.98 4.40
N PRO A 637 18.64 11.14 5.02
CA PRO A 637 17.97 12.22 4.28
C PRO A 637 18.73 12.67 3.04
N MET A 638 20.06 12.65 3.09
CA MET A 638 20.85 13.11 1.94
C MET A 638 20.82 12.08 0.82
N VAL A 639 20.85 10.79 1.16
CA VAL A 639 20.81 9.76 0.14
C VAL A 639 19.45 9.74 -0.55
N ARG A 640 18.37 9.95 0.21
CA ARG A 640 17.04 9.96 -0.37
C ARG A 640 16.79 11.24 -1.17
N GLY A 641 17.40 12.35 -0.77
CA GLY A 641 17.25 13.58 -1.53
C GLY A 641 17.89 13.47 -2.90
N PHE A 642 19.06 12.83 -2.99
CA PHE A 642 19.70 12.62 -4.28
C PHE A 642 18.85 11.74 -5.19
N ALA A 643 18.24 10.70 -4.62
CA ALA A 643 17.40 9.81 -5.42
C ALA A 643 16.22 10.55 -6.01
N VAL A 644 15.59 11.43 -5.24
CA VAL A 644 14.44 12.18 -5.74
C VAL A 644 14.85 13.10 -6.88
N ARG A 645 16.03 13.71 -6.78
CA ARG A 645 16.49 14.58 -7.86
C ARG A 645 16.69 13.80 -9.15
N CYS A 646 16.97 12.50 -9.05
CA CYS A 646 17.04 11.66 -10.25
C CYS A 646 15.66 11.38 -10.82
N LEU A 647 14.67 11.20 -9.95
CA LEU A 647 13.30 10.99 -10.42
C LEU A 647 12.76 12.22 -11.14
N GLU A 648 13.08 13.41 -10.63
CA GLU A 648 12.53 14.63 -11.22
C GLU A 648 12.97 14.80 -12.66
N LYS A 649 14.24 14.53 -12.95
CA LYS A 649 14.81 14.81 -14.26
C LYS A 649 14.69 13.63 -15.24
N TYR A 650 14.24 12.47 -14.78
CA TYR A 650 14.22 11.30 -15.65
C TYR A 650 12.87 10.60 -15.66
N LEU A 651 12.14 10.64 -14.55
CA LEU A 651 10.87 9.93 -14.45
C LEU A 651 9.82 10.66 -15.27
N THR A 652 9.50 10.11 -16.44
CA THR A 652 8.44 10.66 -17.26
C THR A 652 7.08 10.32 -16.65
N ASP A 653 6.08 11.15 -16.99
CA ASP A 653 4.73 10.90 -16.50
C ASP A 653 4.17 9.58 -17.02
N ASP A 654 4.73 9.05 -18.10
CA ASP A 654 4.34 7.73 -18.56
C ASP A 654 4.76 6.66 -17.55
N LYS A 655 6.03 6.69 -17.14
CA LYS A 655 6.51 5.72 -16.16
C LYS A 655 6.01 6.04 -14.76
N LEU A 656 5.77 7.32 -14.46
CA LEU A 656 5.31 7.68 -13.12
C LEU A 656 3.97 7.02 -12.80
N SER A 657 3.05 6.98 -13.77
CA SER A 657 1.77 6.33 -13.55
C SER A 657 1.91 4.83 -13.38
N GLN A 658 3.00 4.23 -13.86
CA GLN A 658 3.20 2.79 -13.75
C GLN A 658 3.66 2.41 -12.34
N TYR A 659 4.68 3.08 -11.83
CA TYR A 659 5.25 2.78 -10.52
C TYR A 659 4.60 3.58 -9.41
N LEU A 660 3.56 4.35 -9.70
CA LEU A 660 2.94 5.19 -8.68
C LEU A 660 2.40 4.37 -7.51
N ILE A 661 2.10 3.08 -7.72
CA ILE A 661 1.65 2.25 -6.62
C ILE A 661 2.73 2.10 -5.57
N GLN A 662 3.97 1.87 -6.01
CA GLN A 662 5.08 1.71 -5.07
C GLN A 662 5.54 3.04 -4.50
N LEU A 663 5.52 4.11 -5.31
CA LEU A 663 5.98 5.40 -4.84
C LEU A 663 5.15 5.91 -3.67
N VAL A 664 3.85 5.62 -3.68
CA VAL A 664 3.01 6.01 -2.54
C VAL A 664 3.41 5.24 -1.30
N GLN A 665 3.71 3.94 -1.45
CA GLN A 665 4.12 3.14 -0.30
C GLN A 665 5.44 3.64 0.28
N VAL A 666 6.36 4.10 -0.58
CA VAL A 666 7.62 4.64 -0.10
C VAL A 666 7.41 5.85 0.79
N LEU A 667 6.26 6.53 0.66
CA LEU A 667 5.98 7.68 1.51
C LEU A 667 5.86 7.30 2.98
N LYS A 668 5.61 6.04 3.29
CA LYS A 668 5.55 5.60 4.67
C LYS A 668 6.93 5.37 5.28
N TYR A 669 7.98 5.30 4.47
CA TYR A 669 9.34 5.15 4.97
C TYR A 669 10.02 6.48 5.24
N GLU A 670 9.40 7.59 4.85
CA GLU A 670 10.00 8.90 5.11
C GLU A 670 9.97 9.21 6.60
N GLN A 671 11.09 9.76 7.08
CA GLN A 671 11.22 10.01 8.52
C GLN A 671 10.18 11.02 9.00
N TYR A 672 9.97 12.09 8.24
CA TYR A 672 9.14 13.20 8.67
C TYR A 672 8.07 13.50 7.64
N LEU A 673 7.16 14.41 8.00
CA LEU A 673 6.05 14.74 7.11
C LEU A 673 6.50 15.60 5.94
N ASP A 674 7.49 16.47 6.16
CA ASP A 674 7.96 17.40 5.13
C ASP A 674 9.21 16.79 4.49
N ASN A 675 8.99 16.01 3.43
CA ASN A 675 10.05 15.36 2.68
C ASN A 675 10.27 16.07 1.35
N LEU A 676 11.22 15.55 0.58
CA LEU A 676 11.36 15.96 -0.81
C LEU A 676 10.56 15.08 -1.77
N LEU A 677 10.20 13.87 -1.34
CA LEU A 677 9.38 13.00 -2.16
C LEU A 677 7.92 13.44 -2.16
N VAL A 678 7.43 13.93 -1.02
CA VAL A 678 6.05 14.40 -0.95
C VAL A 678 5.86 15.64 -1.81
N ARG A 679 6.89 16.50 -1.87
CA ARG A 679 6.80 17.70 -2.70
C ARG A 679 6.93 17.36 -4.18
N PHE A 680 7.69 16.31 -4.51
CA PHE A 680 7.75 15.86 -5.90
C PHE A 680 6.46 15.18 -6.30
N LEU A 681 5.92 14.30 -5.44
CA LEU A 681 4.69 13.60 -5.76
C LEU A 681 3.52 14.55 -5.87
N LEU A 682 3.44 15.54 -4.97
CA LEU A 682 2.32 16.47 -4.99
C LEU A 682 2.38 17.41 -6.18
N LYS A 683 3.59 17.81 -6.59
CA LYS A 683 3.70 18.68 -7.75
C LYS A 683 3.25 17.96 -9.03
N LYS A 684 3.54 16.66 -9.14
CA LYS A 684 3.08 15.90 -10.30
C LYS A 684 1.57 15.71 -10.27
N ALA A 685 0.99 15.52 -9.09
CA ALA A 685 -0.45 15.32 -9.00
C ALA A 685 -1.22 16.58 -9.36
N LEU A 686 -0.71 17.75 -8.99
CA LEU A 686 -1.38 19.01 -9.30
C LEU A 686 -1.12 19.49 -10.72
N THR A 687 -0.25 18.81 -11.47
CA THR A 687 0.02 19.15 -12.86
C THR A 687 -0.62 18.20 -13.85
N ASN A 688 -0.87 16.96 -13.46
CA ASN A 688 -1.51 15.96 -14.30
C ASN A 688 -2.77 15.47 -13.60
N GLN A 689 -3.89 15.47 -14.31
CA GLN A 689 -5.15 15.04 -13.71
C GLN A 689 -5.31 13.52 -13.73
N ARG A 690 -4.57 12.81 -14.57
CA ARG A 690 -4.57 11.35 -14.50
C ARG A 690 -3.79 10.85 -13.30
N ILE A 691 -2.65 11.49 -13.02
CA ILE A 691 -1.86 11.12 -11.84
C ILE A 691 -2.59 11.53 -10.56
N GLY A 692 -3.23 12.70 -10.57
CA GLY A 692 -3.99 13.13 -9.41
C GLY A 692 -5.13 12.19 -9.08
N HIS A 693 -5.82 11.69 -10.11
CA HIS A 693 -6.92 10.77 -9.89
C HIS A 693 -6.47 9.53 -9.15
N PHE A 694 -5.41 8.88 -9.64
CA PHE A 694 -4.91 7.67 -8.99
C PHE A 694 -4.12 8.00 -7.73
N PHE A 695 -3.48 9.16 -7.69
CA PHE A 695 -2.82 9.59 -6.45
C PHE A 695 -3.82 9.71 -5.32
N PHE A 696 -4.99 10.28 -5.60
CA PHE A 696 -6.03 10.42 -4.58
C PHE A 696 -6.51 9.06 -4.09
N TRP A 697 -6.74 8.11 -5.00
CA TRP A 697 -7.33 6.83 -4.62
C TRP A 697 -6.34 5.92 -3.91
N HIS A 698 -5.06 5.96 -4.28
CA HIS A 698 -4.07 5.16 -3.58
C HIS A 698 -3.90 5.62 -2.14
N LEU A 699 -3.84 6.93 -1.93
CA LEU A 699 -3.79 7.45 -0.55
C LEU A 699 -5.09 7.20 0.19
N LYS A 700 -6.22 7.37 -0.49
CA LYS A 700 -7.52 7.20 0.17
C LYS A 700 -7.72 5.76 0.64
N SER A 701 -7.33 4.79 -0.18
CA SER A 701 -7.53 3.39 0.18
C SER A 701 -6.71 2.96 1.38
N GLU A 702 -5.67 3.72 1.73
CA GLU A 702 -4.80 3.39 2.85
C GLU A 702 -5.13 4.18 4.11
N MET A 703 -6.22 4.96 4.10
CA MET A 703 -6.54 5.80 5.25
C MET A 703 -7.22 5.02 6.37
N HIS A 704 -7.58 3.75 6.13
CA HIS A 704 -8.10 2.92 7.21
C HIS A 704 -7.02 2.48 8.18
N ASN A 705 -5.76 2.50 7.76
CA ASN A 705 -4.65 2.21 8.65
C ASN A 705 -4.46 3.34 9.64
N LYS A 706 -4.36 3.01 10.92
CA LYS A 706 -4.14 4.03 11.94
C LYS A 706 -2.68 4.48 12.03
N THR A 707 -1.76 3.72 11.44
CA THR A 707 -0.36 4.12 11.46
C THR A 707 -0.11 5.28 10.51
N VAL A 708 -0.71 5.25 9.31
CA VAL A 708 -0.52 6.28 8.30
C VAL A 708 -1.81 7.06 8.07
N SER A 709 -2.77 6.95 8.99
CA SER A 709 -4.01 7.70 8.83
C SER A 709 -3.77 9.21 8.86
N GLN A 710 -2.91 9.67 9.77
CA GLN A 710 -2.65 11.10 9.89
C GLN A 710 -1.71 11.60 8.81
N ARG A 711 -0.69 10.82 8.46
CA ARG A 711 0.26 11.26 7.44
C ARG A 711 -0.42 11.42 6.08
N PHE A 712 -1.25 10.44 5.70
CA PHE A 712 -1.96 10.52 4.44
C PHE A 712 -3.14 11.49 4.51
N GLY A 713 -3.74 11.65 5.69
CA GLY A 713 -4.82 12.61 5.83
C GLY A 713 -4.37 14.04 5.58
N LEU A 714 -3.20 14.42 6.10
CA LEU A 714 -2.65 15.73 5.82
C LEU A 714 -2.24 15.86 4.37
N LEU A 715 -1.79 14.77 3.75
CA LEU A 715 -1.39 14.81 2.35
C LEU A 715 -2.59 14.97 1.43
N LEU A 716 -3.71 14.35 1.78
CA LEU A 716 -4.92 14.47 0.95
C LEU A 716 -5.55 15.84 1.10
N GLU A 717 -5.54 16.40 2.31
CA GLU A 717 -6.15 17.72 2.52
C GLU A 717 -5.42 18.79 1.72
N SER A 718 -4.08 18.73 1.68
CA SER A 718 -3.33 19.70 0.90
C SER A 718 -3.63 19.54 -0.59
N TYR A 719 -3.72 18.31 -1.08
CA TYR A 719 -4.03 18.09 -2.49
C TYR A 719 -5.46 18.50 -2.81
N CYS A 720 -6.42 18.10 -1.96
CA CYS A 720 -7.81 18.42 -2.22
C CYS A 720 -8.05 19.92 -2.23
N ARG A 721 -7.26 20.68 -1.46
CA ARG A 721 -7.45 22.12 -1.41
C ARG A 721 -7.03 22.78 -2.72
N ALA A 722 -5.96 22.28 -3.36
CA ALA A 722 -5.42 22.87 -4.57
C ALA A 722 -5.68 22.04 -5.81
N CYS A 723 -6.37 20.90 -5.69
CA CYS A 723 -6.61 20.06 -6.86
C CYS A 723 -7.45 20.77 -7.91
N GLY A 724 -8.19 21.80 -7.53
CA GLY A 724 -8.99 22.55 -8.48
C GLY A 724 -10.44 22.12 -8.51
N MET A 725 -11.02 22.10 -9.72
CA MET A 725 -12.41 21.71 -9.89
C MET A 725 -12.61 20.20 -9.99
N TYR A 726 -11.52 19.42 -9.94
CA TYR A 726 -11.65 17.97 -9.94
C TYR A 726 -12.27 17.44 -8.65
N LEU A 727 -12.24 18.23 -7.58
CA LEU A 727 -12.83 17.79 -6.32
C LEU A 727 -14.34 17.59 -6.44
N LYS A 728 -14.99 18.25 -7.41
CA LYS A 728 -16.41 18.02 -7.61
C LYS A 728 -16.66 16.66 -8.24
N HIS A 729 -15.76 16.22 -9.13
CA HIS A 729 -15.89 14.88 -9.69
C HIS A 729 -15.53 13.81 -8.67
N LEU A 730 -14.49 14.06 -7.86
CA LEU A 730 -14.11 13.10 -6.83
C LEU A 730 -15.20 12.94 -5.77
N ASN A 731 -16.09 13.93 -5.63
CA ASN A 731 -17.22 13.78 -4.72
C ASN A 731 -18.29 12.86 -5.29
N ARG A 732 -18.48 12.88 -6.62
CA ARG A 732 -19.42 11.97 -7.25
C ARG A 732 -18.98 10.52 -7.10
N GLN A 733 -17.69 10.25 -7.29
CA GLN A 733 -17.19 8.88 -7.19
C GLN A 733 -17.22 8.39 -5.76
N VAL A 734 -16.76 9.23 -4.81
CA VAL A 734 -16.77 8.83 -3.41
C VAL A 734 -18.19 8.58 -2.93
N GLU A 735 -19.11 9.47 -3.30
CA GLU A 735 -20.51 9.29 -2.91
C GLU A 735 -21.10 8.04 -3.55
N ALA A 736 -20.74 7.77 -4.81
CA ALA A 736 -21.25 6.58 -5.48
C ALA A 736 -20.68 5.31 -4.87
N MET A 737 -19.36 5.28 -4.64
CA MET A 737 -18.75 4.09 -4.04
C MET A 737 -19.30 3.83 -2.65
N GLU A 738 -19.74 4.87 -1.94
CA GLU A 738 -20.29 4.68 -0.61
C GLU A 738 -21.64 3.99 -0.66
N LYS A 739 -22.46 4.28 -1.67
CA LYS A 739 -23.75 3.62 -1.79
C LYS A 739 -23.58 2.12 -1.99
N LEU A 740 -22.65 1.72 -2.88
CA LEU A 740 -22.43 0.30 -3.12
C LEU A 740 -21.89 -0.40 -1.88
N ILE A 741 -20.98 0.26 -1.16
CA ILE A 741 -20.42 -0.35 0.06
C ILE A 741 -21.53 -0.60 1.07
N ASN A 742 -22.41 0.39 1.27
CA ASN A 742 -23.52 0.20 2.20
C ASN A 742 -24.47 -0.88 1.70
N LEU A 743 -24.79 -0.86 0.40
CA LEU A 743 -25.69 -1.87 -0.16
C LEU A 743 -25.06 -3.26 -0.09
N THR A 744 -23.76 -3.37 -0.39
CA THR A 744 -23.09 -4.66 -0.39
C THR A 744 -22.91 -5.22 1.01
N ASP A 745 -22.90 -4.36 2.04
CA ASP A 745 -22.76 -4.84 3.41
C ASP A 745 -24.06 -5.39 3.98
N ILE A 746 -25.19 -5.16 3.31
CA ILE A 746 -26.45 -5.72 3.77
C ILE A 746 -26.71 -7.10 3.17
N LEU A 747 -26.18 -7.37 1.98
CA LEU A 747 -26.33 -8.67 1.34
C LEU A 747 -25.41 -9.72 1.93
N LYS A 748 -24.39 -9.33 2.69
CA LYS A 748 -23.49 -10.27 3.34
C LYS A 748 -23.57 -10.21 4.86
N GLN A 749 -24.41 -9.34 5.41
CA GLN A 749 -24.60 -9.23 6.86
C GLN A 749 -26.01 -9.52 7.31
N GLU A 750 -27.01 -8.90 6.67
CA GLU A 750 -28.41 -9.08 7.06
C GLU A 750 -29.09 -10.19 6.26
N LYS A 751 -29.16 -10.03 4.93
CA LYS A 751 -29.80 -11.01 4.07
C LYS A 751 -28.76 -11.93 3.42
N LYS A 752 -28.07 -12.68 4.27
CA LYS A 752 -27.08 -13.64 3.79
C LYS A 752 -27.57 -15.08 3.82
N ASP A 753 -28.50 -15.41 4.72
CA ASP A 753 -29.07 -16.75 4.80
C ASP A 753 -30.42 -16.73 4.08
N GLU A 754 -30.37 -16.73 2.76
CA GLU A 754 -31.55 -16.70 1.92
C GLU A 754 -31.24 -17.41 0.61
N THR A 755 -32.26 -17.49 -0.26
CA THR A 755 -32.09 -18.10 -1.57
C THR A 755 -31.41 -17.12 -2.51
N GLN A 756 -31.27 -17.49 -3.77
CA GLN A 756 -30.63 -16.63 -4.75
C GLN A 756 -31.60 -15.66 -5.42
N LYS A 757 -32.89 -16.00 -5.49
CA LYS A 757 -33.87 -15.10 -6.08
C LYS A 757 -34.38 -14.06 -5.10
N VAL A 758 -34.40 -14.36 -3.81
CA VAL A 758 -34.76 -13.36 -2.81
C VAL A 758 -33.72 -12.25 -2.79
N GLN A 759 -32.44 -12.61 -2.83
CA GLN A 759 -31.38 -11.61 -2.85
C GLN A 759 -31.46 -10.75 -4.10
N MET A 760 -31.67 -11.37 -5.26
CA MET A 760 -31.72 -10.63 -6.50
C MET A 760 -32.87 -9.63 -6.51
N LYS A 761 -34.05 -10.08 -6.09
CA LYS A 761 -35.19 -9.16 -6.01
C LYS A 761 -34.94 -8.07 -4.98
N PHE A 762 -34.37 -8.43 -3.83
CA PHE A 762 -34.01 -7.43 -2.82
C PHE A 762 -32.99 -6.45 -3.36
N LEU A 763 -31.97 -6.96 -4.05
CA LEU A 763 -30.97 -6.09 -4.65
C LEU A 763 -31.59 -5.20 -5.73
N VAL A 764 -32.46 -5.78 -6.56
CA VAL A 764 -33.13 -4.97 -7.58
C VAL A 764 -34.07 -3.97 -6.93
N GLU A 765 -34.71 -4.34 -5.83
CA GLU A 765 -35.62 -3.43 -5.15
C GLU A 765 -34.89 -2.19 -4.66
N GLN A 766 -33.69 -2.35 -4.09
CA GLN A 766 -32.93 -1.21 -3.60
C GLN A 766 -31.98 -0.67 -4.66
N MET A 767 -32.50 -0.45 -5.86
CA MET A 767 -31.77 0.28 -6.89
C MET A 767 -32.62 1.24 -7.69
N ARG A 768 -33.95 1.15 -7.64
CA ARG A 768 -34.82 2.08 -8.35
C ARG A 768 -35.11 3.34 -7.56
N ARG A 769 -34.70 3.40 -6.30
CA ARG A 769 -34.95 4.58 -5.49
C ARG A 769 -34.17 5.78 -6.06
N PRO A 770 -34.76 6.97 -6.06
CA PRO A 770 -34.05 8.14 -6.61
C PRO A 770 -32.72 8.40 -5.92
N ASP A 771 -32.64 8.18 -4.61
CA ASP A 771 -31.39 8.41 -3.90
C ASP A 771 -30.29 7.50 -4.41
N PHE A 772 -30.60 6.22 -4.62
CA PHE A 772 -29.61 5.29 -5.16
C PHE A 772 -29.44 5.45 -6.66
N MET A 773 -30.51 5.81 -7.39
CA MET A 773 -30.43 5.92 -8.83
C MET A 773 -29.55 7.09 -9.26
N ASP A 774 -29.75 8.26 -8.65
CA ASP A 774 -29.01 9.44 -9.08
C ASP A 774 -27.55 9.39 -8.62
N ALA A 775 -27.26 8.76 -7.49
CA ALA A 775 -25.89 8.68 -7.01
C ALA A 775 -25.03 7.80 -7.90
N LEU A 776 -25.59 6.74 -8.47
CA LEU A 776 -24.84 5.76 -9.24
C LEU A 776 -24.93 6.02 -10.75
N GLN A 777 -25.01 7.27 -11.16
CA GLN A 777 -25.10 7.59 -12.58
C GLN A 777 -24.38 8.89 -12.85
N GLY A 778 -23.89 9.04 -14.08
CA GLY A 778 -23.28 10.26 -14.53
C GLY A 778 -22.01 10.67 -13.79
N PHE A 779 -21.09 9.72 -13.60
CA PHE A 779 -19.81 10.03 -12.98
C PHE A 779 -18.73 9.19 -13.64
N LEU A 780 -17.49 9.67 -13.52
CA LEU A 780 -16.35 8.98 -14.12
C LEU A 780 -16.05 7.68 -13.38
N SER A 781 -15.58 6.69 -14.13
CA SER A 781 -15.21 5.41 -13.54
C SER A 781 -13.88 5.55 -12.81
N PRO A 782 -13.80 5.12 -11.55
CA PRO A 782 -12.52 5.22 -10.83
C PRO A 782 -11.39 4.47 -11.51
N LEU A 783 -11.67 3.33 -12.15
CA LEU A 783 -10.61 2.56 -12.79
C LEU A 783 -9.97 3.35 -13.92
N ASN A 784 -10.79 3.99 -14.75
CA ASN A 784 -10.31 4.76 -15.90
C ASN A 784 -11.03 6.10 -15.92
N PRO A 785 -10.37 7.19 -15.54
CA PRO A 785 -11.07 8.49 -15.51
C PRO A 785 -11.64 8.91 -16.85
N ALA A 786 -11.07 8.44 -17.96
CA ALA A 786 -11.59 8.82 -19.26
C ALA A 786 -12.97 8.24 -19.55
N HIS A 787 -13.37 7.19 -18.83
CA HIS A 787 -14.67 6.57 -19.03
C HIS A 787 -15.67 7.22 -18.08
N GLN A 788 -16.59 7.99 -18.64
CA GLN A 788 -17.68 8.59 -17.87
C GLN A 788 -18.86 7.64 -17.88
N LEU A 789 -19.21 7.13 -16.71
CA LEU A 789 -20.30 6.15 -16.61
C LEU A 789 -21.64 6.83 -16.80
N GLY A 790 -22.47 6.27 -17.66
CA GLY A 790 -23.76 6.85 -17.98
C GLY A 790 -24.91 6.31 -17.15
N ASN A 791 -26.02 6.03 -17.80
CA ASN A 791 -27.21 5.55 -17.11
C ASN A 791 -27.08 4.07 -16.77
N LEU A 792 -27.49 3.72 -15.56
CA LEU A 792 -27.42 2.33 -15.11
C LEU A 792 -28.38 1.46 -15.92
N ARG A 793 -28.04 0.17 -16.02
CA ARG A 793 -28.85 -0.82 -16.71
C ARG A 793 -29.27 -1.87 -15.68
N LEU A 794 -30.39 -1.59 -15.00
CA LEU A 794 -30.83 -2.47 -13.91
C LEU A 794 -31.19 -3.86 -14.40
N GLU A 795 -31.57 -3.98 -15.68
CA GLU A 795 -31.96 -5.29 -16.22
C GLU A 795 -30.80 -6.27 -16.18
N GLU A 796 -29.60 -5.82 -16.51
CA GLU A 796 -28.44 -6.70 -16.66
C GLU A 796 -27.46 -6.59 -15.49
N CYS A 797 -27.93 -6.16 -14.33
CA CYS A 797 -27.11 -6.09 -13.12
C CYS A 797 -27.56 -7.18 -12.16
N ARG A 798 -26.75 -8.22 -12.03
CA ARG A 798 -27.05 -9.34 -11.14
C ARG A 798 -25.97 -9.43 -10.06
N ILE A 799 -26.03 -10.51 -9.28
CA ILE A 799 -25.06 -10.78 -8.22
C ILE A 799 -24.20 -11.95 -8.67
N MET A 800 -22.92 -11.71 -8.90
CA MET A 800 -22.02 -12.81 -9.26
C MET A 800 -22.15 -13.92 -8.24
N SER A 801 -22.32 -15.15 -8.73
CA SER A 801 -22.49 -16.29 -7.83
C SER A 801 -21.16 -16.83 -7.38
N SER A 802 -20.13 -15.99 -7.41
CA SER A 802 -18.79 -16.42 -7.00
C SER A 802 -18.39 -15.77 -5.70
N ALA A 803 -17.09 -15.78 -5.38
CA ALA A 803 -16.56 -15.15 -4.15
C ALA A 803 -17.51 -14.97 -2.98
N LYS A 804 -17.80 -13.71 -2.64
CA LYS A 804 -18.71 -13.43 -1.56
C LYS A 804 -19.78 -12.50 -2.06
N ARG A 805 -20.55 -12.96 -3.04
CA ARG A 805 -21.59 -12.15 -3.60
C ARG A 805 -21.04 -10.96 -4.26
N PRO A 806 -20.12 -11.16 -5.17
CA PRO A 806 -19.71 -9.91 -5.81
C PRO A 806 -20.83 -9.31 -6.61
N LEU A 807 -20.81 -8.00 -6.80
CA LEU A 807 -21.91 -7.33 -7.50
C LEU A 807 -21.47 -6.99 -8.91
N TRP A 808 -22.20 -7.51 -9.89
CA TRP A 808 -21.94 -7.24 -11.30
C TRP A 808 -22.78 -6.03 -11.71
N LEU A 809 -22.15 -4.87 -11.78
CA LEU A 809 -22.85 -3.64 -12.15
C LEU A 809 -22.62 -3.34 -13.63
N ASN A 810 -23.68 -2.87 -14.29
CA ASN A 810 -23.66 -2.58 -15.71
C ASN A 810 -24.08 -1.14 -15.93
N TRP A 811 -23.31 -0.41 -16.72
CA TRP A 811 -23.57 1.00 -17.02
C TRP A 811 -23.71 1.17 -18.53
N GLU A 812 -23.84 2.44 -18.95
CA GLU A 812 -23.98 2.80 -20.34
C GLU A 812 -22.82 3.71 -20.75
N ASN A 813 -22.87 4.17 -22.00
CA ASN A 813 -21.86 5.07 -22.55
C ASN A 813 -22.53 6.38 -22.94
N PRO A 814 -22.43 7.42 -22.10
CA PRO A 814 -23.21 8.64 -22.37
C PRO A 814 -22.91 9.28 -23.71
N ASP A 815 -21.66 9.24 -24.17
CA ASP A 815 -21.29 9.88 -25.41
C ASP A 815 -21.99 9.22 -26.59
N ILE A 816 -22.25 10.03 -27.63
CA ILE A 816 -22.89 9.50 -28.83
C ILE A 816 -21.99 8.50 -29.52
N MET A 817 -20.68 8.73 -29.49
CA MET A 817 -19.72 7.86 -30.15
C MET A 817 -19.41 6.65 -29.27
N SER A 818 -20.45 5.93 -28.84
CA SER A 818 -20.27 4.79 -27.95
C SER A 818 -20.11 3.48 -28.71
N GLU A 819 -20.85 3.29 -29.80
CA GLU A 819 -20.80 2.02 -30.52
C GLU A 819 -19.41 1.72 -31.04
N LEU A 820 -18.63 2.76 -31.37
CA LEU A 820 -17.30 2.53 -31.92
C LEU A 820 -16.40 1.82 -30.92
N LEU A 821 -16.42 2.25 -29.66
CA LEU A 821 -15.58 1.65 -28.62
C LEU A 821 -16.33 0.54 -27.89
N PHE A 822 -17.45 0.87 -27.27
CA PHE A 822 -18.30 -0.09 -26.60
C PHE A 822 -19.52 0.64 -26.06
N GLN A 823 -20.59 -0.11 -25.83
CA GLN A 823 -21.86 0.45 -25.37
C GLN A 823 -22.19 0.04 -23.94
N ASN A 824 -21.20 -0.42 -23.17
CA ASN A 824 -21.47 -0.92 -21.82
C ASN A 824 -20.18 -0.94 -21.03
N ASN A 825 -20.20 -0.35 -19.84
CA ASN A 825 -19.08 -0.39 -18.91
C ASN A 825 -19.46 -1.33 -17.77
N GLU A 826 -18.98 -2.57 -17.84
CA GLU A 826 -19.26 -3.56 -16.82
C GLU A 826 -18.13 -3.56 -15.80
N ILE A 827 -18.48 -3.47 -14.51
CA ILE A 827 -17.52 -3.42 -13.43
C ILE A 827 -17.97 -4.38 -12.34
N ILE A 828 -17.04 -5.20 -11.85
CA ILE A 828 -17.30 -6.08 -10.72
C ILE A 828 -16.90 -5.33 -9.44
N PHE A 829 -17.87 -5.14 -8.55
CA PHE A 829 -17.62 -4.48 -7.27
C PHE A 829 -17.53 -5.57 -6.19
N LYS A 830 -16.32 -5.76 -5.66
CA LYS A 830 -16.07 -6.75 -4.63
C LYS A 830 -15.95 -6.06 -3.28
N ASN A 831 -16.58 -6.64 -2.26
CA ASN A 831 -16.57 -6.09 -0.90
C ASN A 831 -16.32 -7.25 0.06
N GLY A 832 -15.05 -7.47 0.40
CA GLY A 832 -14.68 -8.53 1.30
C GLY A 832 -13.42 -9.26 0.89
N ASP A 833 -12.91 -8.95 -0.29
CA ASP A 833 -11.70 -9.57 -0.83
C ASP A 833 -10.59 -8.53 -0.95
N ASP A 834 -9.39 -8.91 -0.54
CA ASP A 834 -8.25 -8.00 -0.62
C ASP A 834 -7.78 -7.90 -2.07
N LEU A 835 -7.78 -6.69 -2.61
CA LEU A 835 -7.42 -6.44 -4.00
C LEU A 835 -6.04 -5.83 -4.14
N ARG A 836 -5.20 -5.92 -3.11
CA ARG A 836 -3.85 -5.38 -3.19
C ARG A 836 -2.87 -6.40 -3.78
N GLN A 837 -3.00 -7.67 -3.42
CA GLN A 837 -2.20 -8.71 -4.07
C GLN A 837 -2.57 -8.83 -5.53
N ASP A 838 -3.86 -8.72 -5.85
CA ASP A 838 -4.29 -8.77 -7.25
C ASP A 838 -3.90 -7.51 -8.00
N MET A 839 -3.87 -6.36 -7.32
CA MET A 839 -3.49 -5.12 -7.98
C MET A 839 -1.99 -5.05 -8.24
N LEU A 840 -1.17 -5.70 -7.42
CA LEU A 840 0.26 -5.74 -7.63
C LEU A 840 0.66 -6.76 -8.69
N THR A 841 -0.04 -7.90 -8.73
CA THR A 841 0.24 -8.90 -9.75
C THR A 841 -0.09 -8.37 -11.14
N LEU A 842 -1.22 -7.67 -11.27
CA LEU A 842 -1.60 -7.12 -12.56
C LEU A 842 -0.63 -6.04 -13.04
N GLN A 843 0.14 -5.45 -12.14
CA GLN A 843 1.16 -4.49 -12.52
C GLN A 843 2.48 -5.15 -12.88
N ILE A 844 2.82 -6.25 -12.22
CA ILE A 844 4.00 -7.02 -12.61
C ILE A 844 3.80 -7.63 -13.99
N ILE A 845 2.57 -8.08 -14.29
CA ILE A 845 2.27 -8.64 -15.59
C ILE A 845 2.45 -7.57 -16.67
N ARG A 846 2.00 -6.34 -16.41
CA ARG A 846 2.16 -5.27 -17.38
C ARG A 846 3.63 -5.00 -17.65
N ILE A 847 4.45 -4.95 -16.61
CA ILE A 847 5.88 -4.70 -16.80
C ILE A 847 6.53 -5.88 -17.52
N MET A 848 6.10 -7.11 -17.19
CA MET A 848 6.62 -8.28 -17.91
C MET A 848 6.26 -8.21 -19.38
N GLU A 849 5.02 -7.86 -19.71
CA GLU A 849 4.61 -7.80 -21.10
C GLU A 849 5.30 -6.68 -21.85
N ASN A 850 5.58 -5.56 -21.18
CA ASN A 850 6.29 -4.47 -21.83
C ASN A 850 7.73 -4.88 -22.16
N ILE A 851 8.36 -5.67 -21.30
CA ILE A 851 9.72 -6.13 -21.57
C ILE A 851 9.73 -7.03 -22.79
N TRP A 852 8.76 -7.95 -22.90
CA TRP A 852 8.74 -8.87 -24.03
C TRP A 852 8.31 -8.18 -25.32
N GLN A 853 7.40 -7.20 -25.22
CA GLN A 853 6.97 -6.50 -26.41
C GLN A 853 8.12 -5.74 -27.07
N ASN A 854 8.95 -5.08 -26.26
CA ASN A 854 10.10 -4.35 -26.81
C ASN A 854 11.19 -5.30 -27.28
N GLN A 855 11.37 -6.42 -26.58
CA GLN A 855 12.42 -7.36 -26.96
C GLN A 855 12.17 -7.94 -28.35
N GLY A 856 10.92 -8.25 -28.67
CA GLY A 856 10.58 -8.82 -29.96
C GLY A 856 9.56 -9.92 -29.86
N LEU A 857 9.46 -10.52 -28.68
CA LEU A 857 8.48 -11.58 -28.46
C LEU A 857 7.07 -11.01 -28.52
N ASP A 858 6.15 -11.78 -29.11
CA ASP A 858 4.76 -11.37 -29.26
C ASP A 858 3.86 -11.98 -28.20
N LEU A 859 4.42 -12.32 -27.04
CA LEU A 859 3.61 -12.89 -25.95
C LEU A 859 2.60 -11.86 -25.48
N ARG A 860 1.33 -12.08 -25.79
CA ARG A 860 0.27 -11.12 -25.52
C ARG A 860 -0.46 -11.53 -24.25
N MET A 861 -0.49 -10.63 -23.26
CA MET A 861 -1.25 -10.83 -22.04
C MET A 861 -2.35 -9.78 -21.95
N LEU A 862 -3.29 -10.01 -21.04
CA LEU A 862 -4.47 -9.15 -20.87
C LEU A 862 -4.54 -8.72 -19.41
N PRO A 863 -3.75 -7.71 -19.03
CA PRO A 863 -3.77 -7.18 -17.65
C PRO A 863 -4.91 -6.20 -17.41
N TYR A 864 -6.09 -6.73 -17.10
CA TYR A 864 -7.26 -5.91 -16.89
C TYR A 864 -7.04 -4.95 -15.72
N GLY A 865 -7.98 -4.04 -15.54
CA GLY A 865 -7.86 -3.00 -14.53
C GLY A 865 -8.46 -3.41 -13.20
N CYS A 866 -7.65 -3.29 -12.14
CA CYS A 866 -8.09 -3.55 -10.78
C CYS A 866 -7.72 -2.35 -9.91
N LEU A 867 -8.56 -2.08 -8.92
CA LEU A 867 -8.35 -0.93 -8.06
C LEU A 867 -8.99 -1.19 -6.70
N SER A 868 -8.27 -0.86 -5.64
CA SER A 868 -8.77 -0.97 -4.27
C SER A 868 -9.18 0.41 -3.78
N ILE A 869 -10.43 0.52 -3.32
CA ILE A 869 -11.00 1.80 -2.93
C ILE A 869 -11.18 1.91 -1.42
N GLY A 870 -10.84 0.88 -0.66
CA GLY A 870 -10.98 0.94 0.78
C GLY A 870 -10.39 -0.25 1.51
N ASP A 871 -11.08 -0.70 2.57
CA ASP A 871 -10.63 -1.82 3.38
C ASP A 871 -11.23 -3.10 2.82
N CYS A 872 -10.44 -3.82 2.01
CA CYS A 872 -10.87 -5.09 1.43
C CYS A 872 -12.06 -4.92 0.49
N VAL A 873 -12.19 -3.73 -0.10
CA VAL A 873 -13.24 -3.45 -1.08
C VAL A 873 -12.61 -2.79 -2.29
N GLY A 874 -12.97 -3.26 -3.48
CA GLY A 874 -12.39 -2.72 -4.70
C GLY A 874 -13.24 -3.04 -5.91
N LEU A 875 -12.81 -2.51 -7.05
CA LEU A 875 -13.48 -2.69 -8.33
C LEU A 875 -12.58 -3.46 -9.28
N ILE A 876 -13.20 -4.25 -10.15
CA ILE A 876 -12.49 -5.05 -11.14
C ILE A 876 -13.14 -4.80 -12.50
N GLU A 877 -12.33 -4.45 -13.49
CA GLU A 877 -12.83 -4.30 -14.85
C GLU A 877 -13.24 -5.66 -15.40
N VAL A 878 -14.20 -5.64 -16.33
CA VAL A 878 -14.72 -6.86 -16.95
C VAL A 878 -14.29 -6.87 -18.41
N VAL A 879 -13.72 -7.98 -18.84
CA VAL A 879 -13.27 -8.16 -20.22
C VAL A 879 -14.44 -8.62 -21.07
N ARG A 880 -14.51 -8.10 -22.29
CA ARG A 880 -15.64 -8.37 -23.18
C ARG A 880 -15.49 -9.74 -23.83
N ASN A 881 -16.58 -10.52 -23.81
CA ASN A 881 -16.64 -11.79 -24.51
C ASN A 881 -15.53 -12.74 -24.06
N SER A 882 -15.57 -13.07 -22.78
CA SER A 882 -14.61 -14.00 -22.19
C SER A 882 -15.36 -15.07 -21.41
N HIS A 883 -15.09 -16.33 -21.72
CA HIS A 883 -15.69 -17.45 -21.02
C HIS A 883 -14.59 -18.26 -20.34
N THR A 884 -14.88 -18.73 -19.13
CA THR A 884 -13.93 -19.60 -18.44
C THR A 884 -13.85 -20.95 -19.14
N ILE A 885 -12.71 -21.63 -18.95
CA ILE A 885 -12.56 -22.96 -19.52
C ILE A 885 -13.62 -23.90 -18.97
N MET A 886 -14.09 -23.64 -17.75
CA MET A 886 -15.16 -24.45 -17.18
C MET A 886 -16.46 -24.29 -17.95
N GLN A 887 -16.78 -23.06 -18.36
CA GLN A 887 -18.03 -22.83 -19.08
C GLN A 887 -18.07 -23.60 -20.39
N ILE A 888 -16.96 -23.60 -21.14
CA ILE A 888 -16.93 -24.28 -22.42
C ILE A 888 -17.13 -25.78 -22.23
N GLN A 889 -16.46 -26.36 -21.22
CA GLN A 889 -16.59 -27.79 -20.98
C GLN A 889 -18.02 -28.16 -20.64
N CYS A 890 -18.65 -27.38 -19.75
CA CYS A 890 -20.06 -27.62 -19.45
C CYS A 890 -20.94 -27.37 -20.66
N LYS A 891 -20.69 -26.27 -21.38
CA LYS A 891 -21.48 -25.96 -22.56
C LYS A 891 -21.08 -26.81 -23.76
N GLY A 892 -19.81 -27.22 -23.83
CA GLY A 892 -19.34 -28.01 -24.95
C GLY A 892 -19.62 -29.49 -24.87
N GLY A 893 -20.27 -29.95 -23.82
CA GLY A 893 -20.60 -31.35 -23.67
C GLY A 893 -21.93 -31.73 -24.31
N ASN A 901 -14.53 -34.15 -21.81
CA ASN A 901 -13.59 -34.63 -22.82
C ASN A 901 -12.31 -33.80 -22.82
N SER A 902 -11.62 -33.79 -23.95
CA SER A 902 -10.39 -33.02 -24.11
C SER A 902 -10.37 -32.12 -25.32
N HIS A 903 -11.18 -32.38 -26.35
CA HIS A 903 -11.25 -31.53 -27.53
C HIS A 903 -12.34 -30.48 -27.44
N THR A 904 -13.07 -30.41 -26.32
CA THR A 904 -14.14 -29.43 -26.19
C THR A 904 -13.58 -28.01 -26.31
N LEU A 905 -12.48 -27.72 -25.62
CA LEU A 905 -11.86 -26.41 -25.73
C LEU A 905 -11.35 -26.16 -27.15
N HIS A 906 -10.73 -27.17 -27.75
CA HIS A 906 -10.26 -27.01 -29.12
C HIS A 906 -11.41 -27.02 -30.12
N GLN A 907 -12.43 -27.86 -29.88
CA GLN A 907 -13.57 -27.88 -30.77
C GLN A 907 -14.30 -26.55 -30.77
N TRP A 908 -14.53 -25.97 -29.59
CA TRP A 908 -15.21 -24.68 -29.53
C TRP A 908 -14.40 -23.61 -30.24
N LEU A 909 -13.08 -23.62 -30.06
CA LEU A 909 -12.24 -22.64 -30.74
C LEU A 909 -12.37 -22.77 -32.25
N LYS A 910 -12.42 -24.01 -32.75
CA LYS A 910 -12.56 -24.20 -34.19
C LYS A 910 -13.91 -23.69 -34.70
N ASP A 911 -14.99 -23.96 -33.96
CA ASP A 911 -16.31 -23.53 -34.42
C ASP A 911 -16.41 -22.01 -34.46
N LYS A 912 -15.88 -21.34 -33.43
CA LYS A 912 -16.09 -19.90 -33.32
C LYS A 912 -15.51 -19.15 -34.52
N ASN A 913 -14.31 -19.52 -34.95
CA ASN A 913 -13.64 -18.85 -36.07
C ASN A 913 -13.17 -19.90 -37.06
N LYS A 914 -13.91 -20.05 -38.15
CA LYS A 914 -13.58 -21.00 -39.21
C LYS A 914 -13.09 -20.25 -40.44
N GLY A 915 -12.18 -20.89 -41.18
CA GLY A 915 -11.64 -20.30 -42.39
C GLY A 915 -10.18 -19.92 -42.26
N GLU A 916 -9.80 -18.77 -42.83
CA GLU A 916 -8.42 -18.33 -42.75
C GLU A 916 -8.08 -17.73 -41.39
N ILE A 917 -9.08 -17.41 -40.57
CA ILE A 917 -8.81 -16.86 -39.25
C ILE A 917 -8.49 -17.93 -38.22
N TYR A 918 -8.69 -19.21 -38.54
CA TYR A 918 -8.39 -20.27 -37.60
C TYR A 918 -6.90 -20.31 -37.26
N ASP A 919 -6.05 -20.12 -38.27
CA ASP A 919 -4.61 -20.15 -38.01
C ASP A 919 -4.20 -19.03 -37.06
N ALA A 920 -4.73 -17.83 -37.26
CA ALA A 920 -4.42 -16.72 -36.36
C ALA A 920 -4.94 -16.99 -34.95
N ALA A 921 -6.17 -17.51 -34.86
CA ALA A 921 -6.73 -17.81 -33.55
C ALA A 921 -5.97 -18.93 -32.85
N ILE A 922 -5.32 -19.81 -33.62
CA ILE A 922 -4.54 -20.89 -33.01
C ILE A 922 -3.18 -20.38 -32.59
N ASP A 923 -2.67 -19.35 -33.26
CA ASP A 923 -1.38 -18.78 -32.88
C ASP A 923 -1.52 -17.73 -31.78
N LEU A 924 -2.69 -17.09 -31.67
CA LEU A 924 -2.92 -16.17 -30.58
C LEU A 924 -3.12 -16.91 -29.26
N PHE A 925 -3.83 -18.03 -29.30
CA PHE A 925 -3.95 -18.87 -28.11
C PHE A 925 -2.60 -19.46 -27.71
N THR A 926 -1.66 -19.57 -28.65
CA THR A 926 -0.35 -20.11 -28.35
C THR A 926 0.54 -19.05 -27.71
N ARG A 927 0.62 -17.87 -28.32
CA ARG A 927 1.44 -16.79 -27.76
C ARG A 927 0.92 -16.36 -26.39
N SER A 928 -0.39 -16.22 -26.25
CA SER A 928 -0.97 -15.87 -24.97
C SER A 928 -0.74 -16.97 -23.93
N CYS A 929 -0.88 -18.23 -24.35
CA CYS A 929 -0.67 -19.33 -23.42
C CYS A 929 0.77 -19.38 -22.92
N ALA A 930 1.73 -19.14 -23.82
CA ALA A 930 3.13 -19.19 -23.42
C ALA A 930 3.46 -18.06 -22.46
N GLY A 931 2.91 -16.87 -22.68
CA GLY A 931 3.22 -15.75 -21.81
C GLY A 931 2.81 -15.98 -20.38
N TYR A 932 1.62 -16.53 -20.17
CA TYR A 932 1.14 -16.78 -18.81
C TYR A 932 1.82 -17.96 -18.15
N CYS A 933 2.48 -18.82 -18.92
CA CYS A 933 3.23 -19.93 -18.33
C CYS A 933 4.49 -19.41 -17.64
N VAL A 934 5.22 -18.53 -18.30
CA VAL A 934 6.44 -17.97 -17.70
C VAL A 934 6.09 -17.07 -16.53
N ALA A 935 5.12 -16.17 -16.72
CA ALA A 935 4.75 -15.22 -15.67
C ALA A 935 4.20 -15.94 -14.45
N THR A 936 3.34 -16.93 -14.66
CA THR A 936 2.75 -17.66 -13.54
C THR A 936 3.82 -18.40 -12.74
N PHE A 937 4.75 -19.05 -13.43
CA PHE A 937 5.77 -19.84 -12.75
C PHE A 937 6.72 -18.95 -11.95
N ILE A 938 7.14 -17.82 -12.51
CA ILE A 938 8.13 -16.98 -11.86
C ILE A 938 7.57 -16.43 -10.55
N LEU A 939 6.33 -15.93 -10.57
CA LEU A 939 5.74 -15.33 -9.39
C LEU A 939 5.13 -16.36 -8.44
N GLY A 940 4.92 -17.59 -8.88
CA GLY A 940 4.33 -18.61 -8.03
C GLY A 940 2.95 -18.25 -7.54
N ILE A 941 2.09 -17.78 -8.44
CA ILE A 941 0.73 -17.38 -8.08
C ILE A 941 -0.07 -18.62 -7.71
N GLY A 942 -1.24 -18.41 -7.10
CA GLY A 942 -2.08 -19.51 -6.67
C GLY A 942 -2.34 -20.53 -7.76
N ASP A 943 -2.57 -21.78 -7.37
CA ASP A 943 -2.78 -22.83 -8.35
C ASP A 943 -3.98 -22.53 -9.22
N ARG A 944 -3.86 -22.84 -10.50
CA ARG A 944 -4.87 -22.53 -11.50
C ARG A 944 -5.73 -23.76 -11.80
N HIS A 945 -7.00 -23.51 -12.09
CA HIS A 945 -7.91 -24.56 -12.55
C HIS A 945 -8.75 -23.98 -13.68
N ASN A 946 -9.74 -24.75 -14.13
CA ASN A 946 -10.60 -24.34 -15.23
C ASN A 946 -11.66 -23.33 -14.81
N SER A 947 -11.59 -22.82 -13.58
CA SER A 947 -12.55 -21.84 -13.09
C SER A 947 -12.03 -20.41 -13.14
N ASN A 948 -10.74 -20.20 -12.94
CA ASN A 948 -10.13 -18.89 -13.00
C ASN A 948 -9.19 -18.75 -14.19
N ILE A 949 -9.48 -19.44 -15.28
CA ILE A 949 -8.77 -19.30 -16.55
C ILE A 949 -9.80 -19.01 -17.62
N MET A 950 -9.66 -17.88 -18.29
CA MET A 950 -10.64 -17.41 -19.26
C MET A 950 -10.05 -17.41 -20.65
N VAL A 951 -10.86 -17.81 -21.64
CA VAL A 951 -10.46 -17.85 -23.04
C VAL A 951 -11.44 -17.02 -23.84
N LYS A 952 -10.93 -16.07 -24.61
CA LYS A 952 -11.78 -15.23 -25.43
C LYS A 952 -12.18 -15.94 -26.71
N ASP A 953 -13.22 -15.42 -27.37
CA ASP A 953 -13.64 -15.99 -28.63
C ASP A 953 -12.57 -15.84 -29.70
N ASP A 954 -11.76 -14.80 -29.61
CA ASP A 954 -10.65 -14.60 -30.54
C ASP A 954 -9.54 -15.63 -30.36
N GLY A 955 -9.57 -16.40 -29.27
CA GLY A 955 -8.54 -17.38 -28.98
C GLY A 955 -7.58 -16.98 -27.90
N GLN A 956 -7.55 -15.71 -27.51
CA GLN A 956 -6.65 -15.26 -26.47
C GLN A 956 -7.02 -15.87 -25.12
N LEU A 957 -6.00 -16.15 -24.31
CA LEU A 957 -6.17 -16.75 -23.00
C LEU A 957 -5.60 -15.83 -21.93
N PHE A 958 -6.32 -15.71 -20.81
CA PHE A 958 -5.88 -14.88 -19.71
C PHE A 958 -6.40 -15.46 -18.40
N HIS A 959 -5.72 -15.10 -17.31
CA HIS A 959 -6.02 -15.63 -15.99
C HIS A 959 -6.66 -14.55 -15.12
N ILE A 960 -7.48 -14.99 -14.17
CA ILE A 960 -8.17 -14.11 -13.24
C ILE A 960 -8.06 -14.68 -11.83
N ASP A 961 -8.51 -13.89 -10.86
CA ASP A 961 -8.57 -14.32 -9.47
C ASP A 961 -7.17 -14.71 -8.95
N PHE A 962 -6.28 -13.71 -8.92
CA PHE A 962 -4.92 -13.90 -8.44
C PHE A 962 -4.95 -13.96 -6.91
N GLY A 963 -5.16 -15.17 -6.40
CA GLY A 963 -5.28 -15.38 -4.97
C GLY A 963 -4.07 -14.96 -4.16
N HIS A 964 -2.96 -15.67 -4.33
CA HIS A 964 -1.75 -15.40 -3.57
C HIS A 964 -0.53 -15.67 -4.44
N PHE A 965 0.60 -15.10 -4.04
CA PHE A 965 1.86 -15.35 -4.71
C PHE A 965 2.97 -15.51 -3.67
N LEU A 966 3.98 -16.30 -4.04
CA LEU A 966 5.18 -16.46 -3.22
C LEU A 966 4.93 -17.32 -1.99
N ASP A 967 3.69 -17.72 -1.75
CA ASP A 967 3.36 -18.55 -0.60
C ASP A 967 1.88 -18.91 -0.67
N HIS A 968 1.41 -19.59 0.37
CA HIS A 968 0.01 -19.98 0.48
C HIS A 968 -0.33 -20.44 1.89
N GLU A 978 10.28 -22.61 -7.22
CA GLU A 978 10.79 -23.98 -7.34
C GLU A 978 9.68 -24.99 -7.07
N ARG A 979 9.06 -24.90 -5.90
CA ARG A 979 7.99 -25.81 -5.55
C ARG A 979 6.67 -25.37 -6.17
N VAL A 980 6.69 -25.16 -7.49
CA VAL A 980 5.50 -24.83 -8.26
C VAL A 980 5.73 -25.28 -9.69
N PRO A 981 4.87 -26.11 -10.26
CA PRO A 981 5.14 -26.69 -11.58
C PRO A 981 4.65 -25.80 -12.72
N PHE A 982 4.96 -26.23 -13.93
CA PHE A 982 4.48 -25.56 -15.13
C PHE A 982 2.99 -25.84 -15.30
N VAL A 983 2.17 -24.78 -15.22
CA VAL A 983 0.72 -24.95 -15.11
C VAL A 983 0.07 -25.49 -16.38
N LEU A 984 0.84 -25.70 -17.45
CA LEU A 984 0.26 -26.17 -18.69
C LEU A 984 -0.44 -27.52 -18.49
N THR A 985 -1.62 -27.66 -19.09
CA THR A 985 -2.43 -28.85 -18.94
C THR A 985 -2.78 -29.43 -20.30
N GLN A 986 -3.20 -30.70 -20.30
CA GLN A 986 -3.47 -31.41 -21.54
C GLN A 986 -4.51 -30.73 -22.40
N ASP A 987 -5.44 -29.98 -21.81
CA ASP A 987 -6.48 -29.32 -22.59
C ASP A 987 -5.92 -28.31 -23.57
N PHE A 988 -4.69 -27.83 -23.36
CA PHE A 988 -4.10 -26.83 -24.24
C PHE A 988 -3.13 -27.42 -25.26
N LEU A 989 -2.54 -28.58 -24.99
CA LEU A 989 -1.64 -29.18 -25.98
C LEU A 989 -2.38 -29.48 -27.29
N ILE A 990 -3.65 -29.86 -27.20
CA ILE A 990 -4.42 -30.11 -28.42
C ILE A 990 -4.55 -28.83 -29.23
N VAL A 991 -4.81 -27.71 -28.56
CA VAL A 991 -4.91 -26.43 -29.26
C VAL A 991 -3.54 -26.01 -29.79
N ILE A 992 -2.50 -26.21 -28.98
CA ILE A 992 -1.15 -25.82 -29.41
C ILE A 992 -0.74 -26.59 -30.65
N SER A 993 -1.00 -27.90 -30.68
CA SER A 993 -0.67 -28.74 -31.80
C SER A 993 -1.76 -28.77 -32.87
N LYS A 994 -2.67 -27.80 -32.84
CA LYS A 994 -3.75 -27.70 -33.83
C LYS A 994 -4.55 -28.99 -33.90
N GLY A 995 -4.85 -29.56 -32.74
CA GLY A 995 -5.67 -30.75 -32.65
C GLY A 995 -4.95 -32.06 -32.84
N ALA A 996 -3.65 -32.05 -33.09
CA ALA A 996 -2.90 -33.28 -33.25
C ALA A 996 -2.88 -34.06 -31.94
N GLN A 997 -3.00 -35.39 -32.04
CA GLN A 997 -2.96 -36.24 -30.85
C GLN A 997 -1.54 -36.41 -30.32
N GLU A 998 -0.55 -36.44 -31.21
CA GLU A 998 0.84 -36.61 -30.81
C GLU A 998 1.46 -35.23 -30.50
N CYS A 999 0.98 -34.66 -29.39
CA CYS A 999 1.40 -33.32 -29.00
C CYS A 999 2.80 -33.30 -28.40
N THR A 1000 3.25 -34.42 -27.82
CA THR A 1000 4.49 -34.41 -27.06
C THR A 1000 5.67 -33.98 -27.92
N LYS A 1001 5.85 -34.60 -29.08
CA LYS A 1001 6.99 -34.35 -29.95
C LYS A 1001 6.54 -33.79 -31.30
N THR A 1002 5.61 -32.84 -31.27
CA THR A 1002 5.11 -32.22 -32.48
C THR A 1002 5.94 -30.99 -32.84
N ARG A 1003 5.92 -30.63 -34.13
CA ARG A 1003 6.62 -29.44 -34.58
C ARG A 1003 6.03 -28.18 -33.94
N GLU A 1004 4.70 -28.12 -33.82
CA GLU A 1004 4.07 -26.97 -33.19
C GLU A 1004 4.50 -26.83 -31.73
N PHE A 1005 4.55 -27.95 -31.01
CA PHE A 1005 4.93 -27.90 -29.60
C PHE A 1005 6.36 -27.40 -29.42
N GLU A 1006 7.25 -27.77 -30.34
CA GLU A 1006 8.64 -27.33 -30.22
C GLU A 1006 8.74 -25.81 -30.28
N ARG A 1007 7.98 -25.17 -31.16
CA ARG A 1007 7.96 -23.71 -31.18
C ARG A 1007 7.39 -23.15 -29.89
N PHE A 1008 6.48 -23.88 -29.25
CA PHE A 1008 5.93 -23.42 -27.97
C PHE A 1008 7.00 -23.41 -26.89
N GLN A 1009 7.86 -24.43 -26.86
CA GLN A 1009 8.94 -24.46 -25.89
C GLN A 1009 9.93 -23.32 -26.13
N GLU A 1010 10.21 -23.01 -27.40
CA GLU A 1010 11.18 -21.96 -27.70
C GLU A 1010 10.72 -20.61 -27.17
N MET A 1011 9.44 -20.29 -27.33
CA MET A 1011 8.94 -19.00 -26.84
C MET A 1011 8.89 -18.95 -25.31
N CYS A 1012 8.89 -20.11 -24.65
CA CYS A 1012 8.94 -20.12 -23.19
C CYS A 1012 10.35 -19.83 -22.69
N TYR A 1013 11.37 -20.33 -23.41
CA TYR A 1013 12.75 -20.07 -23.01
C TYR A 1013 13.13 -18.62 -23.27
N LYS A 1014 12.78 -18.10 -24.44
CA LYS A 1014 13.09 -16.71 -24.75
C LYS A 1014 12.40 -15.75 -23.80
N ALA A 1015 11.20 -16.11 -23.32
CA ALA A 1015 10.51 -15.28 -22.35
C ALA A 1015 11.15 -15.39 -20.97
N TYR A 1016 11.53 -16.60 -20.56
CA TYR A 1016 12.13 -16.78 -19.25
C TYR A 1016 13.46 -16.06 -19.14
N LEU A 1017 14.30 -16.15 -20.18
CA LEU A 1017 15.59 -15.50 -20.15
C LEU A 1017 15.47 -13.98 -20.22
N ALA A 1018 14.44 -13.47 -20.91
CA ALA A 1018 14.25 -12.03 -21.00
C ALA A 1018 13.98 -11.43 -19.61
N ILE A 1019 13.15 -12.08 -18.82
CA ILE A 1019 12.85 -11.58 -17.48
C ILE A 1019 14.07 -11.73 -16.58
N ARG A 1020 14.82 -12.83 -16.71
CA ARG A 1020 16.00 -13.04 -15.88
C ARG A 1020 16.98 -11.89 -16.03
N GLN A 1021 17.08 -11.32 -17.23
CA GLN A 1021 17.95 -10.17 -17.45
C GLN A 1021 17.41 -8.89 -16.82
N HIS A 1022 16.15 -8.88 -16.41
CA HIS A 1022 15.52 -7.72 -15.77
C HIS A 1022 15.10 -8.04 -14.34
N ALA A 1023 15.80 -8.97 -13.69
CA ALA A 1023 15.43 -9.36 -12.33
C ALA A 1023 15.58 -8.20 -11.35
N ASN A 1024 16.48 -7.26 -11.65
CA ASN A 1024 16.66 -6.12 -10.75
C ASN A 1024 15.39 -5.28 -10.65
N LEU A 1025 14.71 -5.07 -11.78
CA LEU A 1025 13.48 -4.28 -11.76
C LEU A 1025 12.41 -4.94 -10.90
N PHE A 1026 12.25 -6.26 -11.02
CA PHE A 1026 11.22 -6.94 -10.25
C PHE A 1026 11.59 -7.09 -8.79
N ILE A 1027 12.88 -7.25 -8.48
CA ILE A 1027 13.31 -7.31 -7.08
C ILE A 1027 13.04 -5.98 -6.39
N ASN A 1028 13.22 -4.87 -7.11
CA ASN A 1028 13.01 -3.56 -6.52
C ASN A 1028 11.53 -3.25 -6.32
N LEU A 1029 10.67 -3.75 -7.21
CA LEU A 1029 9.24 -3.53 -7.05
C LEU A 1029 8.72 -4.15 -5.76
N PHE A 1030 9.16 -5.37 -5.45
CA PHE A 1030 8.73 -6.03 -4.22
C PHE A 1030 9.40 -5.42 -2.99
N SER A 1031 10.60 -4.86 -3.16
CA SER A 1031 11.32 -4.29 -2.03
C SER A 1031 10.68 -3.01 -1.51
N MET A 1032 9.79 -2.39 -2.29
CA MET A 1032 9.11 -1.17 -1.88
C MET A 1032 7.71 -1.43 -1.33
N MET A 1033 7.33 -2.69 -1.16
CA MET A 1033 6.02 -3.05 -0.62
C MET A 1033 6.11 -3.84 0.67
N LEU A 1034 7.28 -3.89 1.31
CA LEU A 1034 7.42 -4.66 2.54
C LEU A 1034 6.52 -4.11 3.63
N GLY A 1035 6.47 -2.79 3.77
CA GLY A 1035 5.60 -2.16 4.74
C GLY A 1035 4.16 -2.01 4.30
N SER A 1036 3.82 -2.45 3.10
CA SER A 1036 2.46 -2.32 2.60
C SER A 1036 1.45 -2.98 3.54
N GLY A 1037 1.85 -4.07 4.20
CA GLY A 1037 0.97 -4.80 5.08
C GLY A 1037 0.39 -6.08 4.50
N MET A 1038 0.81 -6.48 3.30
CA MET A 1038 0.32 -7.72 2.73
C MET A 1038 0.76 -8.90 3.59
N PRO A 1039 -0.09 -9.91 3.77
CA PRO A 1039 0.28 -11.05 4.62
C PRO A 1039 1.48 -11.83 4.10
N GLU A 1040 1.79 -11.76 2.81
CA GLU A 1040 2.85 -12.54 2.21
C GLU A 1040 4.05 -11.69 1.77
N LEU A 1041 4.16 -10.47 2.29
CA LEU A 1041 5.27 -9.58 1.96
C LEU A 1041 5.80 -8.92 3.21
N GLN A 1042 5.98 -9.70 4.28
CA GLN A 1042 6.38 -9.13 5.57
C GLN A 1042 7.80 -8.56 5.50
N SER A 1043 8.75 -9.34 4.99
CA SER A 1043 10.14 -8.94 4.99
C SER A 1043 10.83 -9.48 3.74
N PHE A 1044 12.15 -9.28 3.67
CA PHE A 1044 12.92 -9.74 2.53
C PHE A 1044 12.94 -11.26 2.42
N ASP A 1045 12.56 -11.97 3.49
CA ASP A 1045 12.49 -13.42 3.42
C ASP A 1045 11.47 -13.85 2.36
N ASP A 1046 10.32 -13.18 2.33
CA ASP A 1046 9.30 -13.53 1.34
C ASP A 1046 9.81 -13.31 -0.08
N ILE A 1047 10.54 -12.21 -0.32
CA ILE A 1047 11.06 -11.92 -1.64
C ILE A 1047 12.13 -12.90 -2.10
N ALA A 1048 12.66 -13.73 -1.18
CA ALA A 1048 13.65 -14.72 -1.56
C ALA A 1048 13.11 -15.73 -2.55
N TYR A 1049 11.79 -15.85 -2.66
CA TYR A 1049 11.20 -16.78 -3.63
C TYR A 1049 11.57 -16.39 -5.05
N ILE A 1050 11.53 -15.09 -5.36
CA ILE A 1050 11.85 -14.63 -6.71
C ILE A 1050 13.30 -14.97 -7.07
N ARG A 1051 14.21 -14.74 -6.12
CA ARG A 1051 15.62 -15.02 -6.38
C ARG A 1051 15.88 -16.49 -6.65
N LYS A 1052 14.97 -17.37 -6.27
CA LYS A 1052 15.11 -18.81 -6.49
C LYS A 1052 14.42 -19.29 -7.76
N THR A 1053 13.24 -18.76 -8.07
CA THR A 1053 12.57 -19.14 -9.31
C THR A 1053 13.23 -18.53 -10.54
N LEU A 1054 13.96 -17.42 -10.38
CA LEU A 1054 14.70 -16.82 -11.47
C LEU A 1054 16.13 -17.33 -11.58
N ALA A 1055 16.58 -18.13 -10.63
CA ALA A 1055 17.93 -18.69 -10.63
C ALA A 1055 18.97 -17.59 -10.83
N LEU A 1056 18.94 -16.61 -9.92
CA LEU A 1056 19.81 -15.45 -10.03
C LEU A 1056 21.25 -15.78 -9.69
N ASP A 1057 21.48 -16.66 -8.71
CA ASP A 1057 22.84 -17.00 -8.33
C ASP A 1057 23.52 -17.89 -9.36
N LYS A 1058 22.76 -18.73 -10.06
CA LYS A 1058 23.33 -19.61 -11.05
C LYS A 1058 23.78 -18.81 -12.28
N THR A 1059 24.32 -19.51 -13.26
CA THR A 1059 24.75 -18.90 -14.50
C THR A 1059 23.61 -18.82 -15.49
N GLU A 1060 23.74 -17.90 -16.46
CA GLU A 1060 22.70 -17.74 -17.47
C GLU A 1060 22.41 -19.06 -18.18
N GLN A 1061 23.46 -19.75 -18.61
CA GLN A 1061 23.28 -21.07 -19.19
C GLN A 1061 22.75 -22.04 -18.16
N GLU A 1062 23.28 -22.00 -16.94
CA GLU A 1062 22.82 -22.91 -15.89
C GLU A 1062 21.36 -22.66 -15.54
N ALA A 1063 20.94 -21.39 -15.50
CA ALA A 1063 19.57 -21.08 -15.15
C ALA A 1063 18.59 -21.63 -16.17
N LEU A 1064 18.99 -21.72 -17.44
CA LEU A 1064 18.09 -22.19 -18.47
C LEU A 1064 17.66 -23.63 -18.22
N GLU A 1065 18.59 -24.51 -17.84
CA GLU A 1065 18.25 -25.90 -17.60
C GLU A 1065 17.51 -26.11 -16.29
N TYR A 1066 17.60 -25.16 -15.36
CA TYR A 1066 16.73 -25.21 -14.18
C TYR A 1066 15.27 -25.03 -14.60
N PHE A 1067 15.01 -24.12 -15.53
CA PHE A 1067 13.67 -23.99 -16.08
C PHE A 1067 13.29 -25.21 -16.90
N MET A 1068 14.23 -25.77 -17.66
CA MET A 1068 13.96 -26.98 -18.42
C MET A 1068 13.51 -28.11 -17.50
N LYS A 1069 14.23 -28.32 -16.40
CA LYS A 1069 13.87 -29.41 -15.49
C LYS A 1069 12.49 -29.19 -14.89
N GLN A 1070 12.18 -27.95 -14.50
CA GLN A 1070 10.88 -27.66 -13.92
C GLN A 1070 9.76 -27.92 -14.92
N MET A 1071 9.94 -27.48 -16.17
CA MET A 1071 8.90 -27.66 -17.17
C MET A 1071 8.65 -29.12 -17.47
N ASN A 1072 9.71 -29.91 -17.61
CA ASN A 1072 9.54 -31.34 -17.89
C ASN A 1072 8.95 -32.07 -16.68
N ASP A 1073 9.37 -31.71 -15.48
CA ASP A 1073 8.88 -32.41 -14.28
C ASP A 1073 7.38 -32.25 -14.13
N ALA A 1074 6.85 -31.04 -14.37
CA ALA A 1074 5.42 -30.82 -14.22
C ALA A 1074 4.63 -31.67 -15.21
N HIS A 1075 5.09 -31.76 -16.45
CA HIS A 1075 4.43 -32.56 -17.48
C HIS A 1075 4.91 -33.99 -17.53
N HIS A 1076 5.82 -34.39 -16.63
CA HIS A 1076 6.40 -35.73 -16.65
C HIS A 1076 7.05 -36.03 -18.00
N GLY A 1077 7.72 -35.01 -18.55
CA GLY A 1077 8.35 -35.13 -19.84
C GLY A 1077 7.55 -34.45 -20.94
N GLY A 1078 8.25 -34.13 -22.03
CA GLY A 1078 7.62 -33.48 -23.17
C GLY A 1078 8.57 -32.59 -23.95
N ASN B 322 41.69 -35.51 15.97
CA ASN B 322 41.64 -34.67 17.16
C ASN B 322 41.57 -33.20 16.80
N ASN B 323 42.72 -32.59 16.53
CA ASN B 323 42.73 -31.20 16.09
C ASN B 323 42.10 -31.06 14.72
N ASN B 324 42.37 -32.00 13.83
CA ASN B 324 41.91 -31.82 12.46
C ASN B 324 41.31 -33.01 11.77
N MET B 325 40.01 -33.20 11.87
CA MET B 325 39.37 -34.25 11.08
C MET B 325 38.75 -33.64 9.83
N SER B 326 37.95 -34.44 9.12
CA SER B 326 37.26 -33.94 7.94
C SER B 326 36.25 -32.87 8.32
N LEU B 327 36.06 -31.90 7.43
CA LEU B 327 35.13 -30.81 7.70
C LEU B 327 33.71 -31.32 7.89
N GLN B 328 33.37 -32.48 7.30
CA GLN B 328 32.02 -33.00 7.42
C GLN B 328 31.66 -33.29 8.88
N ASP B 329 32.59 -33.87 9.63
CA ASP B 329 32.36 -34.19 11.04
C ASP B 329 32.78 -33.04 11.94
N ALA B 330 32.26 -31.84 11.66
CA ALA B 330 32.50 -30.64 12.46
C ALA B 330 31.18 -30.15 13.00
N GLU B 331 31.15 -29.85 14.30
CA GLU B 331 29.89 -29.48 14.94
C GLU B 331 29.32 -28.17 14.42
N TRP B 332 30.16 -27.29 13.89
CA TRP B 332 29.68 -25.99 13.40
C TRP B 332 29.29 -26.02 11.93
N TYR B 333 29.84 -26.93 11.14
CA TYR B 333 29.50 -27.01 9.72
C TYR B 333 28.08 -27.53 9.55
N TRP B 334 27.31 -26.86 8.70
CA TRP B 334 25.91 -27.23 8.48
C TRP B 334 25.60 -27.68 7.05
N GLY B 335 26.55 -27.56 6.13
CA GLY B 335 26.33 -28.03 4.77
C GLY B 335 25.72 -26.94 3.89
N ASP B 336 24.56 -27.24 3.31
CA ASP B 336 23.87 -26.33 2.39
C ASP B 336 22.57 -25.88 3.02
N ILE B 337 22.58 -24.67 3.59
CA ILE B 337 21.40 -24.06 4.18
C ILE B 337 21.23 -22.67 3.59
N SER B 338 20.02 -22.34 3.18
CA SER B 338 19.76 -21.03 2.58
C SER B 338 19.99 -19.93 3.59
N ARG B 339 20.31 -18.74 3.09
CA ARG B 339 20.56 -17.60 3.98
C ARG B 339 19.37 -17.29 4.85
N GLU B 340 18.15 -17.62 4.39
CA GLU B 340 16.97 -17.45 5.23
C GLU B 340 17.05 -18.33 6.47
N GLU B 341 17.52 -19.57 6.30
CA GLU B 341 17.64 -20.48 7.44
C GLU B 341 18.77 -20.05 8.37
N VAL B 342 19.86 -19.52 7.81
CA VAL B 342 20.99 -19.12 8.64
C VAL B 342 20.60 -17.98 9.57
N ASN B 343 19.85 -17.00 9.06
CA ASN B 343 19.50 -15.85 9.88
C ASN B 343 18.64 -16.25 11.07
N GLU B 344 17.68 -17.15 10.87
CA GLU B 344 16.81 -17.56 11.96
C GLU B 344 17.60 -18.29 13.05
N LYS B 345 18.65 -19.00 12.68
CA LYS B 345 19.46 -19.71 13.66
C LYS B 345 20.38 -18.77 14.42
N LEU B 346 20.86 -17.71 13.78
CA LEU B 346 21.69 -16.70 14.44
C LEU B 346 20.89 -15.58 15.06
N ARG B 347 19.56 -15.59 14.91
CA ARG B 347 18.73 -14.53 15.45
C ARG B 347 18.77 -14.53 16.98
N ASP B 348 18.88 -13.33 17.55
CA ASP B 348 18.86 -13.14 19.00
C ASP B 348 19.90 -14.01 19.69
N THR B 349 21.10 -14.06 19.11
CA THR B 349 22.21 -14.81 19.67
C THR B 349 23.29 -13.85 20.16
N ALA B 350 24.15 -14.35 21.04
CA ALA B 350 25.20 -13.53 21.62
C ALA B 350 26.30 -13.27 20.60
N ASP B 351 27.16 -12.31 20.93
CA ASP B 351 28.27 -11.97 20.06
C ASP B 351 29.25 -13.14 19.96
N GLY B 352 29.80 -13.33 18.77
CA GLY B 352 30.77 -14.39 18.53
C GLY B 352 30.20 -15.67 17.98
N THR B 353 28.88 -15.83 17.97
CA THR B 353 28.27 -17.03 17.42
C THR B 353 28.50 -17.09 15.92
N PHE B 354 28.80 -18.28 15.41
CA PHE B 354 29.14 -18.46 14.01
C PHE B 354 28.77 -19.86 13.57
N LEU B 355 28.72 -20.05 12.25
CA LEU B 355 28.47 -21.36 11.66
C LEU B 355 28.90 -21.33 10.21
N VAL B 356 29.58 -22.39 9.78
CA VAL B 356 30.05 -22.49 8.41
C VAL B 356 28.98 -23.17 7.55
N ARG B 357 29.05 -22.93 6.24
CA ARG B 357 28.07 -23.50 5.32
C ARG B 357 28.54 -23.22 3.89
N ASP B 358 27.98 -23.98 2.96
CA ASP B 358 28.33 -23.83 1.55
C ASP B 358 27.91 -22.46 1.03
N ALA B 359 28.67 -21.93 0.08
CA ALA B 359 28.40 -20.62 -0.46
C ALA B 359 27.14 -20.63 -1.33
N SER B 360 26.63 -19.42 -1.59
CA SER B 360 25.42 -19.28 -2.40
C SER B 360 25.65 -19.78 -3.83
N THR B 361 26.82 -19.49 -4.40
CA THR B 361 27.07 -19.88 -5.79
C THR B 361 27.03 -21.38 -5.99
N LYS B 362 27.21 -22.16 -4.93
CA LYS B 362 27.19 -23.62 -4.93
C LYS B 362 28.49 -24.20 -5.48
N MET B 363 29.43 -23.37 -5.92
CA MET B 363 30.70 -23.88 -6.42
C MET B 363 31.48 -24.57 -5.31
N HIS B 364 32.18 -25.64 -5.68
CA HIS B 364 32.90 -26.45 -4.71
C HIS B 364 34.01 -25.64 -4.06
N GLY B 365 34.10 -25.73 -2.73
CA GLY B 365 35.18 -25.11 -1.99
C GLY B 365 35.03 -23.61 -1.76
N ASP B 366 33.88 -23.20 -1.23
CA ASP B 366 33.67 -21.79 -0.89
C ASP B 366 33.51 -21.60 0.61
N TYR B 367 32.54 -22.28 1.24
CA TYR B 367 32.43 -22.35 2.70
C TYR B 367 32.38 -20.94 3.32
N THR B 368 31.31 -20.22 2.98
CA THR B 368 31.06 -18.95 3.62
C THR B 368 30.94 -19.12 5.14
N LEU B 369 31.52 -18.18 5.88
CA LEU B 369 31.55 -18.25 7.35
C LEU B 369 30.66 -17.13 7.89
N THR B 370 29.42 -17.47 8.20
CA THR B 370 28.51 -16.50 8.80
C THR B 370 28.91 -16.22 10.24
N LEU B 371 29.00 -14.94 10.59
CA LEU B 371 29.43 -14.52 11.92
C LEU B 371 28.47 -13.46 12.45
N ARG B 372 28.33 -13.43 13.78
CA ARG B 372 27.42 -12.52 14.46
C ARG B 372 28.23 -11.61 15.37
N LYS B 373 28.32 -10.33 15.01
CA LYS B 373 29.06 -9.35 15.80
C LYS B 373 28.33 -8.02 15.77
N GLY B 374 28.23 -7.38 16.92
CA GLY B 374 27.61 -6.07 17.01
C GLY B 374 26.16 -6.06 16.56
N GLY B 375 25.41 -7.12 16.88
CA GLY B 375 24.02 -7.23 16.49
C GLY B 375 23.80 -7.54 15.02
N ASN B 376 24.80 -7.35 14.17
CA ASN B 376 24.70 -7.62 12.75
C ASN B 376 25.30 -8.99 12.44
N ASN B 377 24.74 -9.65 11.42
CA ASN B 377 25.24 -10.94 10.96
C ASN B 377 26.27 -10.69 9.86
N LYS B 378 27.55 -10.79 10.22
CA LYS B 378 28.61 -10.64 9.23
C LYS B 378 28.59 -11.82 8.26
N LEU B 379 29.47 -11.76 7.27
CA LEU B 379 29.56 -12.82 6.28
C LEU B 379 30.95 -12.77 5.67
N ILE B 380 31.77 -13.79 5.95
CA ILE B 380 33.14 -13.86 5.48
C ILE B 380 33.29 -15.10 4.62
N LYS B 381 33.82 -14.92 3.42
CA LYS B 381 34.03 -16.03 2.50
C LYS B 381 35.40 -16.62 2.70
N ILE B 382 35.45 -17.95 2.77
CA ILE B 382 36.69 -18.70 2.93
C ILE B 382 37.19 -19.05 1.53
N PHE B 383 38.21 -18.33 1.07
CA PHE B 383 38.71 -18.52 -0.28
C PHE B 383 39.54 -19.79 -0.38
N HIS B 384 39.45 -20.45 -1.54
CA HIS B 384 40.15 -21.70 -1.79
C HIS B 384 41.05 -21.53 -3.01
N ARG B 385 42.29 -22.03 -2.91
CA ARG B 385 43.23 -21.95 -4.01
C ARG B 385 44.40 -22.87 -3.73
N ASP B 386 44.74 -23.71 -4.71
CA ASP B 386 45.86 -24.64 -4.60
C ASP B 386 45.71 -25.51 -3.35
N GLY B 387 44.50 -26.04 -3.14
CA GLY B 387 44.26 -26.91 -2.02
C GLY B 387 44.45 -26.27 -0.66
N LYS B 388 44.42 -24.94 -0.60
CA LYS B 388 44.62 -24.21 0.65
C LYS B 388 43.48 -23.23 0.86
N TYR B 389 43.24 -22.87 2.12
CA TYR B 389 42.13 -22.02 2.50
C TYR B 389 42.63 -20.83 3.31
N GLY B 390 41.85 -19.76 3.28
CA GLY B 390 42.19 -18.56 4.03
C GLY B 390 41.18 -17.48 3.76
N PHE B 391 41.42 -16.33 4.41
CA PHE B 391 40.56 -15.16 4.25
C PHE B 391 41.15 -14.15 3.26
N SER B 392 42.36 -13.69 3.52
CA SER B 392 43.04 -12.77 2.61
C SER B 392 43.67 -13.55 1.46
N ASP B 393 44.46 -12.86 0.64
CA ASP B 393 45.06 -13.51 -0.52
C ASP B 393 46.11 -14.55 -0.12
N PRO B 394 46.77 -14.46 1.05
CA PRO B 394 47.68 -15.54 1.45
C PRO B 394 46.90 -16.68 2.11
N LEU B 395 46.79 -17.80 1.41
CA LEU B 395 46.04 -18.94 1.91
C LEU B 395 46.97 -19.90 2.62
N THR B 396 47.36 -19.51 3.83
CA THR B 396 48.29 -20.28 4.65
C THR B 396 47.52 -21.15 5.66
N PHE B 397 46.74 -22.09 5.13
CA PHE B 397 45.98 -23.00 5.97
C PHE B 397 45.73 -24.29 5.20
N SER B 398 45.82 -25.42 5.90
CA SER B 398 45.66 -26.72 5.27
C SER B 398 44.20 -27.01 4.92
N SER B 399 43.27 -26.66 5.80
CA SER B 399 41.86 -26.99 5.59
C SER B 399 41.00 -26.02 6.38
N VAL B 400 39.69 -26.11 6.16
CA VAL B 400 38.75 -25.22 6.84
C VAL B 400 38.80 -25.44 8.35
N VAL B 401 38.84 -26.70 8.77
CA VAL B 401 38.83 -26.99 10.21
C VAL B 401 40.04 -26.37 10.89
N GLU B 402 41.22 -26.50 10.27
CA GLU B 402 42.41 -25.89 10.84
C GLU B 402 42.29 -24.36 10.85
N LEU B 403 41.76 -23.79 9.77
CA LEU B 403 41.62 -22.33 9.71
C LEU B 403 40.67 -21.84 10.78
N ILE B 404 39.50 -22.47 10.91
CA ILE B 404 38.54 -22.04 11.91
C ILE B 404 39.10 -22.23 13.32
N ASN B 405 39.74 -23.38 13.56
CA ASN B 405 40.29 -23.64 14.89
C ASN B 405 41.34 -22.61 15.28
N HIS B 406 42.08 -22.07 14.31
CA HIS B 406 43.06 -21.04 14.61
C HIS B 406 42.38 -19.80 15.17
N TYR B 407 41.25 -19.41 14.60
CA TYR B 407 40.52 -18.23 15.04
C TYR B 407 39.55 -18.53 16.17
N ARG B 408 39.37 -19.80 16.54
CA ARG B 408 38.56 -20.11 17.71
C ARG B 408 39.30 -19.78 19.00
N ASN B 409 40.63 -19.82 18.98
CA ASN B 409 41.46 -19.50 20.13
C ASN B 409 42.07 -18.10 20.05
N GLU B 410 41.71 -17.32 19.03
CA GLU B 410 42.27 -15.99 18.86
C GLU B 410 41.25 -15.10 18.17
N SER B 411 41.41 -13.79 18.35
CA SER B 411 40.53 -12.82 17.74
C SER B 411 40.84 -12.64 16.26
N LEU B 412 39.91 -12.02 15.54
CA LEU B 412 40.06 -11.76 14.13
C LEU B 412 40.72 -10.41 13.84
N ALA B 413 41.15 -9.69 14.86
CA ALA B 413 41.79 -8.40 14.65
C ALA B 413 42.98 -8.52 13.70
N GLN B 414 43.68 -9.66 13.72
CA GLN B 414 44.77 -9.87 12.79
C GLN B 414 44.28 -9.84 11.35
N TYR B 415 43.14 -10.50 11.09
CA TYR B 415 42.58 -10.49 9.73
C TYR B 415 42.11 -9.09 9.35
N ASN B 416 41.33 -8.45 10.22
CA ASN B 416 40.80 -7.12 9.96
C ASN B 416 41.00 -6.28 11.23
N PRO B 417 41.61 -5.11 11.12
CA PRO B 417 41.79 -4.28 12.33
C PRO B 417 40.48 -3.90 12.99
N LYS B 418 39.42 -3.65 12.21
CA LYS B 418 38.15 -3.23 12.77
C LYS B 418 37.23 -4.41 13.12
N LEU B 419 37.62 -5.63 12.76
CA LEU B 419 36.82 -6.83 13.07
C LEU B 419 37.40 -7.47 14.31
N ASP B 420 36.66 -7.42 15.41
CA ASP B 420 37.12 -7.95 16.70
C ASP B 420 36.11 -8.97 17.19
N VAL B 421 36.47 -10.26 17.08
CA VAL B 421 35.64 -11.34 17.57
C VAL B 421 36.52 -12.59 17.64
N LYS B 422 36.18 -13.50 18.55
CA LYS B 422 37.01 -14.67 18.81
C LYS B 422 36.32 -15.98 18.42
N LEU B 423 35.23 -15.91 17.67
CA LEU B 423 34.53 -17.09 17.20
C LEU B 423 34.26 -18.06 18.35
N LEU B 424 33.46 -17.58 19.32
CA LEU B 424 33.29 -18.31 20.58
C LEU B 424 32.26 -19.44 20.44
N TYR B 425 31.02 -19.10 20.12
CA TYR B 425 29.89 -20.02 20.24
C TYR B 425 29.43 -20.49 18.88
N PRO B 426 29.95 -21.59 18.36
CA PRO B 426 29.43 -22.15 17.11
C PRO B 426 28.03 -22.70 17.30
N VAL B 427 27.25 -22.67 16.21
CA VAL B 427 25.88 -23.18 16.21
C VAL B 427 25.98 -24.66 15.84
N SER B 428 26.19 -25.51 16.84
CA SER B 428 26.33 -26.93 16.61
C SER B 428 25.02 -27.52 16.10
N LYS B 429 25.12 -28.36 15.07
CA LYS B 429 23.95 -29.01 14.51
C LYS B 429 23.54 -30.25 15.31
N TYR B 430 24.41 -30.76 16.18
CA TYR B 430 24.10 -31.95 16.96
C TYR B 430 23.18 -31.62 18.13
N GLN B 431 23.25 -30.41 18.66
CA GLN B 431 22.43 -30.06 19.83
C GLN B 431 20.94 -30.18 19.51
N GLN B 432 20.52 -29.69 18.34
CA GLN B 432 19.13 -29.82 17.95
C GLN B 432 18.72 -31.28 17.77
N ASP B 433 19.69 -32.17 17.52
CA ASP B 433 19.36 -33.59 17.35
C ASP B 433 18.76 -34.18 18.62
N GLN B 434 19.30 -33.81 19.79
CA GLN B 434 18.81 -34.36 21.05
C GLN B 434 17.57 -33.61 21.52
N VAL B 435 16.57 -33.51 20.64
CA VAL B 435 15.29 -32.91 20.98
C VAL B 435 14.17 -33.79 20.44
N VAL B 436 14.54 -34.75 19.59
CA VAL B 436 13.59 -35.65 18.96
C VAL B 436 13.75 -37.05 19.53
N LYS B 437 12.62 -37.71 19.75
CA LYS B 437 12.58 -39.07 20.27
C LYS B 437 11.91 -39.96 19.24
N GLU B 438 11.80 -41.26 19.57
CA GLU B 438 11.16 -42.23 18.70
C GLU B 438 11.87 -42.30 17.34
N ASP B 439 13.12 -42.74 17.40
CA ASP B 439 13.95 -42.81 16.19
C ASP B 439 13.32 -43.68 15.11
N ASN B 440 12.48 -44.63 15.48
CA ASN B 440 11.81 -45.47 14.48
C ASN B 440 10.85 -44.64 13.64
N ILE B 441 10.67 -45.07 12.39
CA ILE B 441 9.82 -44.33 11.46
C ILE B 441 8.37 -44.30 11.94
N GLU B 442 7.88 -45.43 12.45
CA GLU B 442 6.47 -45.52 12.82
C GLU B 442 6.12 -44.52 13.91
N ALA B 443 6.96 -44.42 14.95
CA ALA B 443 6.64 -43.53 16.07
C ALA B 443 6.70 -42.07 15.67
N VAL B 444 7.68 -41.69 14.85
CA VAL B 444 7.79 -40.30 14.41
C VAL B 444 6.59 -39.92 13.54
N GLY B 445 6.11 -40.86 12.72
CA GLY B 445 4.96 -40.57 11.88
C GLY B 445 3.73 -40.23 12.69
N LYS B 446 3.48 -40.96 13.78
CA LYS B 446 2.31 -40.68 14.61
C LYS B 446 2.48 -39.37 15.36
N LYS B 447 3.66 -39.13 15.94
CA LYS B 447 3.87 -37.91 16.72
C LYS B 447 3.74 -36.67 15.83
N LEU B 448 4.38 -36.69 14.66
CA LEU B 448 4.28 -35.55 13.76
C LEU B 448 2.85 -35.35 13.28
N HIS B 449 2.15 -36.43 12.94
CA HIS B 449 0.78 -36.31 12.49
C HIS B 449 -0.12 -35.77 13.60
N GLU B 450 0.06 -36.26 14.83
CA GLU B 450 -0.74 -35.77 15.95
C GLU B 450 -0.36 -34.32 16.29
N TYR B 451 0.92 -33.98 16.16
CA TYR B 451 1.34 -32.61 16.42
C TYR B 451 0.69 -31.65 15.43
N ASN B 452 0.60 -32.04 14.15
CA ASN B 452 -0.04 -31.19 13.16
C ASN B 452 -1.49 -30.91 13.53
N THR B 453 -2.19 -31.92 14.05
CA THR B 453 -3.55 -31.70 14.53
C THR B 453 -3.56 -30.72 15.68
N GLN B 454 -2.61 -30.85 16.61
CA GLN B 454 -2.51 -29.90 17.70
C GLN B 454 -2.12 -28.51 17.19
N PHE B 455 -1.12 -28.44 16.30
CA PHE B 455 -0.71 -27.16 15.75
C PHE B 455 -1.84 -26.54 14.92
N GLN B 456 -2.50 -27.35 14.08
CA GLN B 456 -3.58 -26.82 13.26
C GLN B 456 -4.75 -26.35 14.13
N GLU B 457 -5.10 -27.14 15.14
CA GLU B 457 -6.19 -26.74 16.03
C GLU B 457 -5.84 -25.48 16.81
N LYS B 458 -4.61 -25.40 17.31
CA LYS B 458 -4.19 -24.20 18.04
C LYS B 458 -4.18 -22.98 17.12
N SER B 459 -3.67 -23.14 15.89
CA SER B 459 -3.65 -22.02 14.96
C SER B 459 -5.06 -21.54 14.63
N ARG B 460 -5.98 -22.48 14.42
CA ARG B 460 -7.36 -22.11 14.14
C ARG B 460 -7.96 -21.34 15.30
N GLU B 461 -7.71 -21.78 16.53
CA GLU B 461 -8.22 -21.08 17.70
C GLU B 461 -7.64 -19.67 17.79
N TYR B 462 -6.35 -19.53 17.50
CA TYR B 462 -5.73 -18.21 17.49
C TYR B 462 -6.34 -17.34 16.40
N ASP B 463 -6.63 -17.92 15.24
CA ASP B 463 -7.22 -17.15 14.14
C ASP B 463 -8.57 -16.60 14.53
N ARG B 464 -9.39 -17.40 15.23
CA ARG B 464 -10.70 -16.92 15.66
C ARG B 464 -10.57 -15.73 16.60
N LEU B 465 -9.61 -15.79 17.54
CA LEU B 465 -9.43 -14.70 18.48
C LEU B 465 -9.06 -13.40 17.78
N TYR B 466 -8.16 -13.47 16.80
CA TYR B 466 -7.70 -12.26 16.13
C TYR B 466 -8.85 -11.54 15.44
N GLU B 467 -9.72 -12.29 14.75
CA GLU B 467 -10.87 -11.67 14.10
C GLU B 467 -11.78 -11.01 15.12
N GLU B 468 -12.01 -11.68 16.25
CA GLU B 468 -12.77 -11.04 17.32
C GLU B 468 -12.05 -9.81 17.86
N TYR B 469 -10.72 -9.90 18.02
CA TYR B 469 -9.97 -8.77 18.55
C TYR B 469 -10.04 -7.58 17.59
N THR B 470 -9.87 -7.81 16.30
CA THR B 470 -9.98 -6.73 15.34
C THR B 470 -11.42 -6.23 15.26
N ARG B 471 -12.39 -7.14 15.27
CA ARG B 471 -13.79 -6.73 15.22
C ARG B 471 -14.15 -5.88 16.43
N THR B 472 -13.74 -6.31 17.63
CA THR B 472 -14.05 -5.55 18.83
C THR B 472 -13.37 -4.20 18.82
N SER B 473 -12.19 -4.09 18.21
CA SER B 473 -11.51 -2.80 18.12
C SER B 473 -12.35 -1.80 17.31
N GLN B 474 -12.95 -2.27 16.21
CA GLN B 474 -13.78 -1.39 15.40
C GLN B 474 -15.02 -0.96 16.18
N GLU B 475 -15.64 -1.87 16.92
CA GLU B 475 -16.86 -1.54 17.65
C GLU B 475 -16.61 -0.43 18.68
N ILE B 476 -15.49 -0.51 19.40
CA ILE B 476 -15.19 0.51 20.41
C ILE B 476 -14.92 1.85 19.76
N GLN B 477 -14.28 1.85 18.59
CA GLN B 477 -13.95 3.11 17.94
C GLN B 477 -15.20 3.91 17.61
N MET B 478 -16.23 3.25 17.08
CA MET B 478 -17.48 3.96 16.79
C MET B 478 -18.27 4.28 18.04
N LYS B 479 -17.98 3.60 19.16
CA LYS B 479 -18.60 4.00 20.43
C LYS B 479 -17.97 5.28 20.96
N ARG B 480 -16.65 5.42 20.80
CA ARG B 480 -15.99 6.64 21.25
C ARG B 480 -16.49 7.85 20.45
N THR B 481 -16.64 7.69 19.14
CA THR B 481 -17.14 8.79 18.31
C THR B 481 -18.55 9.19 18.71
N ALA B 482 -19.41 8.20 18.98
CA ALA B 482 -20.78 8.52 19.39
C ALA B 482 -20.80 9.32 20.68
N ILE B 483 -19.96 8.94 21.65
CA ILE B 483 -19.86 9.70 22.89
C ILE B 483 -19.32 11.09 22.61
N GLU B 484 -18.35 11.20 21.70
CA GLU B 484 -17.81 12.50 21.34
C GLU B 484 -18.89 13.40 20.74
N ALA B 485 -19.71 12.84 19.86
CA ALA B 485 -20.82 13.61 19.28
C ALA B 485 -21.82 14.02 20.34
N PHE B 486 -22.10 13.13 21.30
CA PHE B 486 -23.07 13.44 22.35
C PHE B 486 -22.63 14.65 23.17
N ASN B 487 -21.32 14.85 23.32
CA ASN B 487 -20.84 16.04 24.02
C ASN B 487 -21.25 17.30 23.28
N GLU B 488 -21.12 17.31 21.95
CA GLU B 488 -21.50 18.49 21.18
C GLU B 488 -22.99 18.75 21.28
N THR B 489 -23.81 17.71 21.13
CA THR B 489 -25.26 17.90 21.19
C THR B 489 -25.68 18.42 22.57
N ILE B 490 -25.13 17.82 23.63
CA ILE B 490 -25.48 18.27 24.98
C ILE B 490 -24.97 19.69 25.21
N LYS B 491 -23.80 20.02 24.65
CA LYS B 491 -23.28 21.37 24.80
C LYS B 491 -24.19 22.41 24.17
N ILE B 492 -24.72 22.10 22.98
CA ILE B 492 -25.59 23.05 22.29
C ILE B 492 -26.84 23.31 23.12
N PHE B 493 -27.48 22.25 23.62
CA PHE B 493 -28.66 22.42 24.44
C PHE B 493 -28.33 23.14 25.74
N GLU B 494 -27.22 22.77 26.38
CA GLU B 494 -26.82 23.45 27.61
C GLU B 494 -26.52 24.92 27.35
N GLU B 495 -25.80 25.23 26.27
CA GLU B 495 -25.46 26.61 25.97
C GLU B 495 -26.71 27.43 25.67
N GLN B 496 -27.65 26.85 24.91
CA GLN B 496 -28.88 27.57 24.60
C GLN B 496 -29.72 27.84 25.85
N CYS B 497 -29.67 26.92 26.82
CA CYS B 497 -30.39 27.15 28.06
C CYS B 497 -29.89 28.40 28.77
N GLN B 498 -28.57 28.59 28.82
CA GLN B 498 -28.02 29.81 29.38
C GLN B 498 -28.44 31.02 28.56
N THR B 499 -28.38 30.91 27.22
CA THR B 499 -28.84 32.00 26.37
C THR B 499 -30.35 32.21 26.51
N GLN B 500 -31.12 31.12 26.54
CA GLN B 500 -32.56 31.24 26.67
C GLN B 500 -32.95 31.89 27.99
N GLU B 501 -32.31 31.46 29.08
CA GLU B 501 -32.62 32.04 30.40
C GLU B 501 -32.25 33.52 30.43
N ARG B 502 -31.09 33.86 29.87
CA ARG B 502 -30.68 35.27 29.84
C ARG B 502 -31.61 36.10 28.97
N TYR B 503 -32.04 35.54 27.84
CA TYR B 503 -32.95 36.28 26.95
C TYR B 503 -34.28 36.57 27.64
N SER B 504 -34.82 35.58 28.36
CA SER B 504 -36.08 35.76 29.09
C SER B 504 -35.83 36.49 30.41
N LYS B 505 -35.30 37.70 30.29
CA LYS B 505 -34.98 38.52 31.46
C LYS B 505 -35.63 39.89 31.41
N GLU B 506 -35.73 40.51 30.24
CA GLU B 506 -36.33 41.83 30.12
C GLU B 506 -37.83 41.77 29.93
N TYR B 507 -38.33 40.81 29.15
CA TYR B 507 -39.76 40.70 28.90
C TYR B 507 -40.51 39.94 29.99
N ILE B 508 -39.78 39.26 30.89
CA ILE B 508 -40.45 38.52 31.96
C ILE B 508 -41.21 39.49 32.87
N GLU B 509 -40.60 40.62 33.21
CA GLU B 509 -41.27 41.59 34.07
C GLU B 509 -42.52 42.14 33.39
N LYS B 510 -42.45 42.42 32.10
CA LYS B 510 -43.62 42.90 31.38
C LYS B 510 -44.74 41.89 31.41
N PHE B 511 -44.40 40.59 31.24
CA PHE B 511 -45.43 39.56 31.31
C PHE B 511 -46.06 39.52 32.70
N LYS B 512 -45.25 39.64 33.75
CA LYS B 512 -45.80 39.64 35.10
C LYS B 512 -46.69 40.84 35.35
N ARG B 513 -46.35 41.99 34.77
CA ARG B 513 -47.13 43.20 35.01
C ARG B 513 -48.57 43.04 34.52
N GLU B 514 -48.76 42.44 33.35
CA GLU B 514 -50.08 42.24 32.77
C GLU B 514 -50.56 40.82 33.05
N GLY B 515 -51.86 40.68 33.31
CA GLY B 515 -52.44 39.39 33.60
C GLY B 515 -52.60 38.50 32.39
N ASN B 516 -51.48 38.08 31.81
CA ASN B 516 -51.47 37.21 30.63
C ASN B 516 -50.93 35.84 31.07
N GLU B 517 -51.85 34.95 31.43
CA GLU B 517 -51.45 33.60 31.86
C GLU B 517 -51.06 32.72 30.68
N LYS B 518 -51.63 32.96 29.50
CA LYS B 518 -51.34 32.12 28.34
C LYS B 518 -49.86 32.16 27.98
N GLU B 519 -49.26 33.35 28.01
CA GLU B 519 -47.83 33.45 27.72
C GLU B 519 -47.00 32.70 28.75
N ILE B 520 -47.37 32.80 30.03
CA ILE B 520 -46.62 32.14 31.08
C ILE B 520 -46.67 30.62 30.90
N GLN B 521 -47.85 30.08 30.61
CA GLN B 521 -47.97 28.63 30.46
C GLN B 521 -47.16 28.15 29.26
N ARG B 522 -47.27 28.83 28.12
CA ARG B 522 -46.54 28.42 26.92
C ARG B 522 -45.03 28.56 27.13
N ILE B 523 -44.60 29.68 27.72
CA ILE B 523 -43.17 29.87 27.96
C ILE B 523 -42.64 28.81 28.92
N MET B 524 -43.40 28.52 29.98
CA MET B 524 -42.98 27.50 30.92
C MET B 524 -43.21 26.09 30.37
N HIS B 525 -44.31 25.88 29.66
CA HIS B 525 -44.60 24.56 29.11
C HIS B 525 -43.50 24.10 28.17
N ASN B 526 -43.16 24.93 27.19
CA ASN B 526 -42.11 24.58 26.24
C ASN B 526 -40.71 24.70 26.83
N TYR B 527 -40.52 25.58 27.82
CA TYR B 527 -39.23 25.65 28.50
C TYR B 527 -38.90 24.34 29.18
N ASP B 528 -39.89 23.73 29.83
CA ASP B 528 -39.68 22.40 30.42
C ASP B 528 -39.41 21.37 29.33
N LYS B 529 -40.03 21.53 28.16
CA LYS B 529 -39.75 20.62 27.05
C LYS B 529 -38.27 20.59 26.73
N LEU B 530 -37.62 21.75 26.75
CA LEU B 530 -36.16 21.78 26.58
C LEU B 530 -35.47 21.02 27.70
N LYS B 531 -35.94 21.18 28.93
CA LYS B 531 -35.38 20.42 30.04
C LYS B 531 -35.59 18.92 29.84
N SER B 532 -36.80 18.52 29.43
CA SER B 532 -37.07 17.12 29.20
C SER B 532 -36.20 16.56 28.08
N ARG B 533 -36.11 17.29 26.97
CA ARG B 533 -35.28 16.84 25.85
C ARG B 533 -33.82 16.77 26.25
N ILE B 534 -33.32 17.77 26.96
CA ILE B 534 -31.92 17.77 27.38
C ILE B 534 -31.65 16.64 28.37
N SER B 535 -32.61 16.38 29.25
CA SER B 535 -32.45 15.28 30.20
C SER B 535 -32.35 13.94 29.48
N GLU B 536 -33.15 13.74 28.43
CA GLU B 536 -33.08 12.51 27.65
C GLU B 536 -31.71 12.34 27.00
N ILE B 537 -31.15 13.44 26.49
CA ILE B 537 -29.84 13.36 25.84
C ILE B 537 -28.78 12.89 26.83
N ILE B 538 -28.81 13.43 28.05
CA ILE B 538 -27.84 13.02 29.06
C ILE B 538 -28.00 11.53 29.37
N ASP B 539 -29.23 11.06 29.53
CA ASP B 539 -29.45 9.65 29.83
C ASP B 539 -28.94 8.76 28.71
N SER B 540 -29.19 9.15 27.45
CA SER B 540 -28.73 8.34 26.33
C SER B 540 -27.21 8.25 26.31
N ARG B 541 -26.52 9.36 26.57
CA ARG B 541 -25.07 9.33 26.62
C ARG B 541 -24.57 8.48 27.78
N ARG B 542 -25.28 8.51 28.92
CA ARG B 542 -24.85 7.74 30.08
C ARG B 542 -24.81 6.25 29.76
N ARG B 543 -25.83 5.74 29.06
CA ARG B 543 -25.84 4.34 28.69
C ARG B 543 -24.67 3.99 27.78
N LEU B 544 -24.35 4.87 26.83
CA LEU B 544 -23.25 4.61 25.91
C LEU B 544 -21.92 4.50 26.65
N GLU B 545 -21.69 5.39 27.61
CA GLU B 545 -20.44 5.33 28.37
C GLU B 545 -20.31 4.01 29.13
N GLU B 546 -21.40 3.55 29.75
CA GLU B 546 -21.38 2.26 30.42
C GLU B 546 -21.15 1.13 29.43
N ASP B 547 -21.80 1.20 28.27
CA ASP B 547 -21.58 0.20 27.23
C ASP B 547 -20.13 0.23 26.74
N LEU B 548 -19.57 1.43 26.58
CA LEU B 548 -18.17 1.53 26.17
C LEU B 548 -17.24 0.91 27.20
N LYS B 549 -17.51 1.17 28.49
CA LYS B 549 -16.69 0.58 29.54
C LYS B 549 -16.77 -0.94 29.52
N LYS B 550 -17.97 -1.48 29.36
CA LYS B 550 -18.12 -2.94 29.27
C LYS B 550 -17.42 -3.49 28.03
N GLN B 551 -17.58 -2.81 26.89
CA GLN B 551 -16.90 -3.24 25.68
C GLN B 551 -15.39 -3.15 25.82
N ALA B 552 -14.91 -2.07 26.44
CA ALA B 552 -13.47 -1.90 26.61
C ALA B 552 -12.88 -3.00 27.46
N ALA B 553 -13.56 -3.37 28.55
CA ALA B 553 -13.04 -4.42 29.42
C ALA B 553 -12.90 -5.75 28.67
N GLU B 554 -13.91 -6.12 27.88
CA GLU B 554 -13.81 -7.34 27.09
C GLU B 554 -12.70 -7.22 26.04
N TYR B 555 -12.41 -6.00 25.58
CA TYR B 555 -11.32 -5.82 24.63
C TYR B 555 -9.99 -6.26 25.23
N ARG B 556 -9.73 -5.89 26.48
CA ARG B 556 -8.50 -6.31 27.14
C ARG B 556 -8.49 -7.82 27.35
N GLU B 557 -9.62 -8.41 27.73
CA GLU B 557 -9.67 -9.85 27.96
C GLU B 557 -9.36 -10.62 26.68
N ILE B 558 -9.90 -10.17 25.55
CA ILE B 558 -9.57 -10.79 24.27
C ILE B 558 -8.08 -10.65 24.00
N ASP B 559 -7.51 -9.49 24.33
CA ASP B 559 -6.07 -9.30 24.17
C ASP B 559 -5.27 -10.24 25.06
N LYS B 560 -5.75 -10.46 26.29
CA LYS B 560 -5.03 -11.33 27.21
C LYS B 560 -4.90 -12.74 26.66
N ARG B 561 -5.97 -13.29 26.10
CA ARG B 561 -5.92 -14.65 25.57
C ARG B 561 -4.92 -14.78 24.43
N MET B 562 -4.93 -13.81 23.51
CA MET B 562 -4.01 -13.88 22.38
C MET B 562 -2.56 -13.79 22.84
N ASN B 563 -2.28 -12.95 23.84
CA ASN B 563 -0.91 -12.82 24.33
C ASN B 563 -0.41 -14.13 24.93
N SER B 564 -1.29 -14.87 25.61
CA SER B 564 -0.91 -16.12 26.23
C SER B 564 -0.97 -17.31 25.29
N ILE B 565 -1.53 -17.13 24.10
CA ILE B 565 -1.65 -18.23 23.13
C ILE B 565 -0.54 -18.11 22.10
N LYS B 566 -0.07 -16.88 21.86
CA LYS B 566 0.99 -16.67 20.88
C LYS B 566 2.27 -17.42 21.24
N PRO B 567 2.79 -17.34 22.47
CA PRO B 567 4.03 -18.06 22.77
C PRO B 567 3.90 -19.57 22.61
N ASP B 568 2.74 -20.14 22.94
CA ASP B 568 2.57 -21.59 22.81
C ASP B 568 2.48 -22.01 21.34
N LEU B 569 1.82 -21.21 20.51
CA LEU B 569 1.71 -21.54 19.10
C LEU B 569 3.09 -21.53 18.43
N ILE B 570 3.93 -20.56 18.78
CA ILE B 570 5.25 -20.47 18.17
C ILE B 570 6.08 -21.70 18.50
N GLN B 571 6.08 -22.11 19.77
CA GLN B 571 6.87 -23.28 20.16
C GLN B 571 6.37 -24.54 19.46
N LEU B 572 5.06 -24.71 19.36
CA LEU B 572 4.51 -25.87 18.67
C LEU B 572 4.91 -25.88 17.20
N ARG B 573 4.87 -24.71 16.56
CA ARG B 573 5.22 -24.65 15.15
C ARG B 573 6.68 -25.04 14.91
N LYS B 574 7.59 -24.55 15.76
CA LYS B 574 8.99 -24.89 15.60
C LYS B 574 9.25 -26.37 15.84
N THR B 575 8.68 -26.92 16.91
CA THR B 575 8.84 -28.33 17.20
C THR B 575 8.23 -29.19 16.11
N ARG B 576 7.05 -28.81 15.61
CA ARG B 576 6.42 -29.55 14.53
C ARG B 576 7.30 -29.52 13.28
N ASP B 577 7.85 -28.35 12.95
CA ASP B 577 8.74 -28.25 11.79
C ASP B 577 10.01 -29.07 12.00
N GLN B 578 10.53 -29.10 13.23
CA GLN B 578 11.75 -29.85 13.49
C GLN B 578 11.58 -31.33 13.18
N TYR B 579 10.45 -31.91 13.58
CA TYR B 579 10.20 -33.31 13.27
C TYR B 579 10.04 -33.53 11.77
N LEU B 580 9.36 -32.61 11.08
CA LEU B 580 9.15 -32.77 9.65
C LEU B 580 10.47 -32.81 8.89
N MET B 581 11.38 -31.89 9.21
CA MET B 581 12.69 -31.91 8.56
C MET B 581 13.49 -33.14 8.93
N TRP B 582 13.36 -33.61 10.18
CA TRP B 582 14.09 -34.80 10.60
C TRP B 582 13.67 -36.02 9.80
N LEU B 583 12.37 -36.17 9.54
CA LEU B 583 11.89 -37.31 8.76
C LEU B 583 12.38 -37.23 7.32
N THR B 584 12.24 -36.06 6.70
CA THR B 584 12.63 -35.93 5.29
C THR B 584 14.12 -36.12 5.10
N GLN B 585 14.92 -35.58 6.01
CA GLN B 585 16.38 -35.66 5.85
C GLN B 585 16.87 -37.10 5.86
N LYS B 586 16.19 -37.99 6.59
CA LYS B 586 16.64 -39.38 6.72
C LYS B 586 16.12 -40.24 5.57
N GLY B 587 16.34 -39.78 4.35
CA GLY B 587 16.03 -40.57 3.17
C GLY B 587 14.58 -41.04 3.09
N VAL B 588 13.64 -40.16 3.40
CA VAL B 588 12.22 -40.49 3.37
C VAL B 588 11.51 -39.50 2.47
N ARG B 589 10.79 -40.01 1.47
CA ARG B 589 10.03 -39.14 0.59
C ARG B 589 8.85 -38.52 1.33
N GLN B 590 8.59 -37.24 1.06
CA GLN B 590 7.51 -36.54 1.73
C GLN B 590 6.13 -36.94 1.24
N LYS B 591 6.04 -37.67 0.12
CA LYS B 591 4.74 -38.07 -0.39
C LYS B 591 3.99 -38.95 0.62
N LYS B 592 4.70 -39.89 1.24
CA LYS B 592 4.09 -40.68 2.31
C LYS B 592 3.70 -39.81 3.49
N LEU B 593 4.56 -38.86 3.86
CA LEU B 593 4.25 -37.95 4.95
C LEU B 593 3.16 -36.96 4.56
N ASN B 594 3.08 -36.60 3.27
CA ASN B 594 2.08 -35.62 2.84
C ASN B 594 0.67 -36.12 3.15
N GLU B 595 0.40 -37.38 2.84
CA GLU B 595 -0.91 -37.94 3.16
C GLU B 595 -1.10 -38.09 4.67
N TRP B 596 -0.02 -38.32 5.41
CA TRP B 596 -0.12 -38.40 6.86
C TRP B 596 -0.55 -37.07 7.46
N LEU B 597 -0.01 -35.96 6.94
CA LEU B 597 -0.37 -34.63 7.42
C LEU B 597 -0.02 -34.47 8.90
#